data_2M36
#
_entry.id   2M36
#
_entity_poly.entity_id   1
_entity_poly.type   'polypeptide(L)'
_entity_poly.pdbx_seq_one_letter_code
;SCNSKGTPCTNADECCGGKCAYNVWNCIGGGCSKTCGY
;
_entity_poly.pdbx_strand_id   A
#
# COMPACT_ATOMS: atom_id res chain seq x y z
N SER A 1 -15.31 -4.90 3.00
CA SER A 1 -14.83 -3.62 2.50
C SER A 1 -13.31 -3.65 2.34
N CYS A 2 -12.86 -3.75 1.09
CA CYS A 2 -11.43 -3.79 0.80
C CYS A 2 -11.09 -2.83 -0.34
N ASN A 3 -9.83 -2.85 -0.77
CA ASN A 3 -9.37 -1.99 -1.85
C ASN A 3 -8.65 -2.80 -2.93
N SER A 4 -8.25 -2.12 -3.99
CA SER A 4 -7.55 -2.78 -5.10
C SER A 4 -6.17 -2.17 -5.31
N LYS A 5 -5.35 -2.83 -6.11
CA LYS A 5 -4.01 -2.36 -6.39
C LYS A 5 -4.03 -0.90 -6.86
N GLY A 6 -2.96 -0.18 -6.53
CA GLY A 6 -2.89 1.22 -6.92
C GLY A 6 -3.61 2.13 -5.95
N THR A 7 -4.19 1.55 -4.90
CA THR A 7 -4.92 2.33 -3.91
C THR A 7 -4.09 2.50 -2.64
N PRO A 8 -4.05 3.74 -2.12
CA PRO A 8 -3.30 4.07 -0.91
C PRO A 8 -3.93 3.46 0.34
N CYS A 9 -3.07 3.00 1.25
CA CYS A 9 -3.53 2.39 2.49
C CYS A 9 -2.46 2.45 3.56
N THR A 10 -2.79 2.01 4.77
CA THR A 10 -1.85 2.01 5.88
C THR A 10 -1.68 0.61 6.47
N ASN A 11 -2.48 -0.33 5.98
CA ASN A 11 -2.42 -1.71 6.45
C ASN A 11 -2.78 -2.68 5.34
N ALA A 12 -2.36 -3.94 5.49
CA ALA A 12 -2.63 -4.96 4.50
C ALA A 12 -4.13 -5.26 4.41
N ASP A 13 -4.83 -5.11 5.53
CA ASP A 13 -6.26 -5.35 5.59
C ASP A 13 -7.00 -4.49 4.56
N GLU A 14 -6.46 -3.29 4.31
CA GLU A 14 -7.07 -2.38 3.35
C GLU A 14 -7.07 -2.98 1.94
N CYS A 15 -6.25 -4.02 1.74
CA CYS A 15 -6.16 -4.68 0.45
C CYS A 15 -6.77 -6.08 0.52
N CYS A 16 -7.80 -6.30 -0.29
CA CYS A 16 -8.48 -7.60 -0.34
C CYS A 16 -7.47 -8.72 -0.54
N GLY A 17 -6.35 -8.41 -1.18
CA GLY A 17 -5.32 -9.41 -1.41
C GLY A 17 -4.32 -9.49 -0.29
N GLY A 18 -4.17 -8.41 0.45
CA GLY A 18 -3.22 -8.38 1.56
C GLY A 18 -1.83 -7.99 1.13
N LYS A 19 -1.74 -6.89 0.38
CA LYS A 19 -0.45 -6.41 -0.10
C LYS A 19 -0.37 -4.88 -0.02
N CYS A 20 -0.29 -4.36 1.20
CA CYS A 20 -0.21 -2.93 1.41
C CYS A 20 1.21 -2.50 1.74
N ALA A 21 1.83 -1.74 0.83
CA ALA A 21 3.19 -1.28 1.03
C ALA A 21 3.63 -0.37 -0.11
N TYR A 22 4.49 0.60 0.20
CA TYR A 22 4.98 1.54 -0.81
C TYR A 22 6.22 0.99 -1.51
N ASN A 23 6.35 1.30 -2.80
CA ASN A 23 7.49 0.84 -3.58
C ASN A 23 8.08 1.97 -4.41
N VAL A 24 8.99 2.72 -3.81
CA VAL A 24 9.62 3.85 -4.50
C VAL A 24 11.14 3.81 -4.32
N TRP A 25 11.85 4.53 -5.18
CA TRP A 25 13.31 4.58 -5.11
C TRP A 25 13.78 5.88 -4.48
N ASN A 26 12.91 6.89 -4.48
CA ASN A 26 13.23 8.19 -3.90
C ASN A 26 12.37 8.47 -2.68
N CYS A 27 11.76 7.43 -2.15
CA CYS A 27 10.90 7.57 -0.97
C CYS A 27 11.29 6.56 0.11
N ILE A 28 12.43 6.79 0.75
CA ILE A 28 12.91 5.90 1.80
C ILE A 28 11.83 5.66 2.84
N GLY A 29 11.77 4.43 3.34
CA GLY A 29 10.78 4.09 4.35
C GLY A 29 10.79 5.05 5.52
N GLY A 30 9.73 5.85 5.65
CA GLY A 30 9.66 6.80 6.74
C GLY A 30 8.96 8.09 6.33
N GLY A 31 7.67 8.00 6.04
CA GLY A 31 6.92 9.17 5.63
C GLY A 31 6.42 9.07 4.20
N CYS A 32 6.06 7.86 3.79
CA CYS A 32 5.55 7.64 2.44
C CYS A 32 4.12 7.12 2.48
N SER A 33 3.59 6.77 1.30
CA SER A 33 2.23 6.28 1.19
C SER A 33 2.21 4.87 0.58
N LYS A 34 1.87 3.88 1.40
CA LYS A 34 1.80 2.50 0.94
C LYS A 34 0.66 2.30 -0.06
N THR A 35 0.86 1.38 -0.99
CA THR A 35 -0.15 1.09 -2.00
C THR A 35 -0.52 -0.39 -2.01
N CYS A 36 -1.67 -0.70 -2.60
CA CYS A 36 -2.13 -2.08 -2.68
C CYS A 36 -1.51 -2.80 -3.87
N GLY A 37 -1.29 -4.10 -3.72
CA GLY A 37 -0.71 -4.88 -4.80
C GLY A 37 -1.71 -5.77 -5.49
N TYR A 38 -2.61 -6.36 -4.71
CA TYR A 38 -3.63 -7.25 -5.25
C TYR A 38 -5.02 -6.66 -5.09
N SER A 1 -15.61 -4.19 1.22
CA SER A 1 -14.94 -4.02 2.50
C SER A 1 -13.43 -4.11 2.33
N CYS A 2 -12.93 -3.62 1.21
CA CYS A 2 -11.50 -3.65 0.91
C CYS A 2 -11.16 -2.72 -0.24
N ASN A 3 -9.89 -2.73 -0.64
CA ASN A 3 -9.43 -1.89 -1.74
C ASN A 3 -8.73 -2.71 -2.81
N SER A 4 -8.32 -2.05 -3.89
CA SER A 4 -7.64 -2.73 -4.98
C SER A 4 -6.26 -2.13 -5.23
N LYS A 5 -5.45 -2.81 -6.02
CA LYS A 5 -4.10 -2.34 -6.32
C LYS A 5 -4.12 -0.89 -6.81
N GLY A 6 -3.06 -0.15 -6.49
CA GLY A 6 -2.98 1.23 -6.92
C GLY A 6 -3.68 2.17 -5.95
N THR A 7 -4.26 1.60 -4.89
CA THR A 7 -4.96 2.40 -3.90
C THR A 7 -4.12 2.58 -2.64
N PRO A 8 -4.07 3.82 -2.14
CA PRO A 8 -3.31 4.15 -0.93
C PRO A 8 -3.92 3.56 0.33
N CYS A 9 -3.07 3.12 1.25
CA CYS A 9 -3.53 2.53 2.51
C CYS A 9 -2.45 2.61 3.57
N THR A 10 -2.79 2.17 4.78
CA THR A 10 -1.84 2.18 5.89
C THR A 10 -1.67 0.79 6.49
N ASN A 11 -2.46 -0.16 6.01
CA ASN A 11 -2.41 -1.53 6.49
C ASN A 11 -2.78 -2.52 5.38
N ALA A 12 -2.37 -3.77 5.56
CA ALA A 12 -2.65 -4.81 4.58
C ALA A 12 -4.15 -5.09 4.50
N ASP A 13 -4.83 -4.92 5.63
CA ASP A 13 -6.27 -5.17 5.70
C ASP A 13 -7.01 -4.32 4.67
N GLU A 14 -6.47 -3.13 4.40
CA GLU A 14 -7.09 -2.22 3.44
C GLU A 14 -7.11 -2.84 2.04
N CYS A 15 -6.30 -3.87 1.85
CA CYS A 15 -6.23 -4.56 0.56
C CYS A 15 -6.85 -5.95 0.65
N CYS A 16 -7.88 -6.18 -0.15
CA CYS A 16 -8.55 -7.48 -0.17
C CYS A 16 -7.55 -8.62 -0.37
N GLY A 17 -6.44 -8.30 -1.03
CA GLY A 17 -5.42 -9.31 -1.28
C GLY A 17 -4.40 -9.38 -0.16
N GLY A 18 -4.23 -8.29 0.58
CA GLY A 18 -3.29 -8.25 1.66
C GLY A 18 -1.89 -7.88 1.21
N LYS A 19 -1.78 -6.78 0.48
CA LYS A 19 -0.50 -6.31 -0.03
C LYS A 19 -0.41 -4.79 0.04
N CYS A 20 -0.33 -4.25 1.25
CA CYS A 20 -0.25 -2.81 1.45
C CYS A 20 1.19 -2.40 1.78
N ALA A 21 1.81 -1.66 0.85
CA ALA A 21 3.19 -1.20 1.04
C ALA A 21 3.62 -0.30 -0.10
N TYR A 22 4.48 0.67 0.20
CA TYR A 22 4.97 1.60 -0.80
C TYR A 22 6.20 1.04 -1.51
N ASN A 23 6.33 1.35 -2.80
CA ASN A 23 7.45 0.87 -3.59
C ASN A 23 8.05 1.99 -4.42
N VAL A 24 8.98 2.74 -3.82
CA VAL A 24 9.63 3.86 -4.49
C VAL A 24 11.14 3.81 -4.31
N TRP A 25 11.86 4.50 -5.18
CA TRP A 25 13.31 4.54 -5.11
C TRP A 25 13.80 5.84 -4.48
N ASN A 26 12.94 6.85 -4.49
CA ASN A 26 13.27 8.16 -3.92
C ASN A 26 12.41 8.46 -2.71
N CYS A 27 11.79 7.42 -2.14
CA CYS A 27 10.93 7.57 -0.98
C CYS A 27 11.31 6.57 0.11
N ILE A 28 12.46 6.78 0.74
CA ILE A 28 12.93 5.90 1.80
C ILE A 28 11.85 5.67 2.85
N GLY A 29 11.76 4.45 3.35
CA GLY A 29 10.78 4.13 4.36
C GLY A 29 10.80 5.09 5.53
N GLY A 30 9.77 5.91 5.66
CA GLY A 30 9.70 6.86 6.75
C GLY A 30 9.01 8.16 6.33
N GLY A 31 7.73 8.06 6.01
CA GLY A 31 6.98 9.24 5.61
C GLY A 31 6.47 9.15 4.19
N CYS A 32 6.10 7.93 3.78
CA CYS A 32 5.59 7.70 2.43
C CYS A 32 4.15 7.19 2.47
N SER A 33 3.62 6.84 1.31
CA SER A 33 2.25 6.34 1.21
C SER A 33 2.23 4.95 0.60
N LYS A 34 1.86 3.96 1.41
CA LYS A 34 1.80 2.58 0.95
C LYS A 34 0.66 2.39 -0.05
N THR A 35 0.81 1.43 -0.95
CA THR A 35 -0.21 1.15 -1.96
C THR A 35 -0.58 -0.32 -1.97
N CYS A 36 -1.73 -0.63 -2.55
CA CYS A 36 -2.20 -2.02 -2.63
C CYS A 36 -1.58 -2.74 -3.82
N GLY A 37 -1.35 -4.05 -3.65
CA GLY A 37 -0.76 -4.83 -4.72
C GLY A 37 -1.76 -5.77 -5.37
N TYR A 38 -2.61 -6.38 -4.55
CA TYR A 38 -3.61 -7.31 -5.04
C TYR A 38 -4.99 -6.99 -4.47
N SER A 1 -15.56 -4.92 2.00
CA SER A 1 -14.92 -3.69 2.46
C SER A 1 -13.40 -3.78 2.33
N CYS A 2 -12.92 -3.53 1.12
CA CYS A 2 -11.48 -3.58 0.84
C CYS A 2 -11.11 -2.66 -0.31
N ASN A 3 -9.85 -2.72 -0.73
CA ASN A 3 -9.37 -1.89 -1.83
C ASN A 3 -8.66 -2.73 -2.88
N SER A 4 -8.24 -2.09 -3.96
CA SER A 4 -7.54 -2.78 -5.04
C SER A 4 -6.16 -2.20 -5.27
N LYS A 5 -5.35 -2.89 -6.05
CA LYS A 5 -3.99 -2.43 -6.36
C LYS A 5 -4.00 -0.99 -6.85
N GLY A 6 -2.96 -0.24 -6.52
CA GLY A 6 -2.87 1.14 -6.94
C GLY A 6 -3.59 2.09 -6.00
N THR A 7 -4.17 1.54 -4.95
CA THR A 7 -4.90 2.34 -3.97
C THR A 7 -4.08 2.54 -2.70
N PRO A 8 -4.04 3.80 -2.22
CA PRO A 8 -3.29 4.16 -1.01
C PRO A 8 -3.92 3.59 0.25
N CYS A 9 -3.09 3.13 1.18
CA CYS A 9 -3.56 2.55 2.43
C CYS A 9 -2.49 2.65 3.51
N THR A 10 -2.84 2.24 4.72
CA THR A 10 -1.91 2.27 5.84
C THR A 10 -1.75 0.89 6.47
N ASN A 11 -2.55 -0.07 5.99
CA ASN A 11 -2.49 -1.43 6.51
C ASN A 11 -2.83 -2.43 5.41
N ALA A 12 -2.42 -3.68 5.61
CA ALA A 12 -2.68 -4.74 4.64
C ALA A 12 -4.17 -5.04 4.55
N ASP A 13 -4.88 -4.87 5.67
CA ASP A 13 -6.31 -5.13 5.72
C ASP A 13 -7.05 -4.30 4.68
N GLU A 14 -6.52 -3.11 4.40
CA GLU A 14 -7.13 -2.22 3.41
C GLU A 14 -7.12 -2.85 2.02
N CYS A 15 -6.30 -3.88 1.86
CA CYS A 15 -6.19 -4.57 0.57
C CYS A 15 -6.81 -5.97 0.66
N CYS A 16 -7.83 -6.21 -0.16
CA CYS A 16 -8.50 -7.49 -0.18
C CYS A 16 -7.50 -8.63 -0.34
N GLY A 17 -6.38 -8.33 -0.97
CA GLY A 17 -5.34 -9.35 -1.18
C GLY A 17 -4.35 -9.39 -0.04
N GLY A 18 -4.20 -8.29 0.67
CA GLY A 18 -3.27 -8.23 1.78
C GLY A 18 -1.86 -7.86 1.33
N LYS A 19 -1.75 -6.77 0.59
CA LYS A 19 -0.46 -6.30 0.10
C LYS A 19 -0.37 -4.78 0.14
N CYS A 20 -0.31 -4.23 1.34
CA CYS A 20 -0.23 -2.79 1.52
C CYS A 20 1.20 -2.36 1.86
N ALA A 21 1.83 -1.63 0.94
CA ALA A 21 3.19 -1.16 1.15
C ALA A 21 3.64 -0.28 -0.01
N TYR A 22 4.47 0.71 0.30
CA TYR A 22 4.99 1.62 -0.73
C TYR A 22 6.23 1.04 -1.41
N ASN A 23 6.34 1.30 -2.70
CA ASN A 23 7.48 0.80 -3.47
C ASN A 23 8.07 1.91 -4.34
N VAL A 24 8.98 2.68 -3.77
CA VAL A 24 9.62 3.77 -4.50
C VAL A 24 11.13 3.78 -4.27
N TRP A 25 11.85 4.46 -5.15
CA TRP A 25 13.31 4.54 -5.05
C TRP A 25 13.74 5.83 -4.38
N ASN A 26 12.88 6.85 -4.47
CA ASN A 26 13.17 8.15 -3.87
C ASN A 26 12.39 8.34 -2.58
N CYS A 27 11.39 7.49 -2.37
CA CYS A 27 10.56 7.56 -1.17
C CYS A 27 10.96 6.49 -0.16
N ILE A 28 12.20 6.55 0.30
CA ILE A 28 12.71 5.59 1.26
C ILE A 28 11.77 5.44 2.45
N GLY A 29 11.70 4.24 3.02
CA GLY A 29 10.84 4.01 4.16
C GLY A 29 11.06 5.02 5.27
N GLY A 30 10.07 5.88 5.49
CA GLY A 30 10.17 6.89 6.52
C GLY A 30 8.92 7.74 6.64
N GLY A 31 7.78 7.14 6.35
CA GLY A 31 6.52 7.86 6.42
C GLY A 31 5.93 8.15 5.06
N CYS A 32 6.11 7.22 4.12
CA CYS A 32 5.60 7.38 2.77
C CYS A 32 4.17 6.86 2.67
N SER A 33 3.62 6.88 1.46
CA SER A 33 2.26 6.41 1.22
C SER A 33 2.26 5.01 0.61
N LYS A 34 1.85 4.03 1.40
CA LYS A 34 1.80 2.64 0.95
C LYS A 34 0.70 2.46 -0.09
N THR A 35 0.83 1.41 -0.90
CA THR A 35 -0.16 1.12 -1.94
C THR A 35 -0.53 -0.36 -1.94
N CYS A 36 -1.67 -0.68 -2.53
CA CYS A 36 -2.14 -2.06 -2.59
C CYS A 36 -1.49 -2.80 -3.77
N GLY A 37 -1.26 -4.09 -3.60
CA GLY A 37 -0.65 -4.89 -4.64
C GLY A 37 -1.63 -5.86 -5.28
N TYR A 38 -2.36 -6.60 -4.44
CA TYR A 38 -3.32 -7.57 -4.92
C TYR A 38 -4.62 -7.50 -4.11
N SER A 1 -15.14 -3.51 3.02
CA SER A 1 -14.88 -2.84 1.75
C SER A 1 -13.38 -2.73 1.50
N CYS A 2 -12.78 -3.82 1.06
CA CYS A 2 -11.35 -3.86 0.78
C CYS A 2 -11.01 -2.89 -0.35
N ASN A 3 -9.74 -2.91 -0.78
CA ASN A 3 -9.28 -2.04 -1.86
C ASN A 3 -8.55 -2.85 -2.93
N SER A 4 -8.15 -2.17 -4.00
CA SER A 4 -7.43 -2.82 -5.09
C SER A 4 -6.06 -2.19 -5.29
N LYS A 5 -5.22 -2.86 -6.09
CA LYS A 5 -3.87 -2.38 -6.36
C LYS A 5 -3.91 -0.92 -6.82
N GLY A 6 -2.85 -0.18 -6.49
CA GLY A 6 -2.78 1.21 -6.89
C GLY A 6 -3.52 2.12 -5.93
N THR A 7 -4.10 1.54 -4.88
CA THR A 7 -4.85 2.31 -3.89
C THR A 7 -4.03 2.51 -2.63
N PRO A 8 -4.02 3.75 -2.11
CA PRO A 8 -3.28 4.10 -0.90
C PRO A 8 -3.90 3.49 0.35
N CYS A 9 -3.05 3.00 1.25
CA CYS A 9 -3.51 2.38 2.49
C CYS A 9 -2.43 2.46 3.57
N THR A 10 -2.77 2.01 4.77
CA THR A 10 -1.84 2.03 5.89
C THR A 10 -1.68 0.64 6.49
N ASN A 11 -2.47 -0.31 6.00
CA ASN A 11 -2.40 -1.68 6.49
C ASN A 11 -2.74 -2.67 5.37
N ALA A 12 -2.30 -3.91 5.54
CA ALA A 12 -2.56 -4.96 4.55
C ALA A 12 -4.05 -5.27 4.45
N ASP A 13 -4.75 -5.13 5.57
CA ASP A 13 -6.18 -5.40 5.61
C ASP A 13 -6.92 -4.55 4.57
N GLU A 14 -6.41 -3.34 4.32
CA GLU A 14 -7.02 -2.44 3.36
C GLU A 14 -7.01 -3.04 1.96
N CYS A 15 -6.17 -4.05 1.77
CA CYS A 15 -6.05 -4.72 0.47
C CYS A 15 -6.66 -6.13 0.53
N CYS A 16 -7.67 -6.36 -0.30
CA CYS A 16 -8.33 -7.66 -0.34
C CYS A 16 -7.31 -8.78 -0.53
N GLY A 17 -6.19 -8.46 -1.15
CA GLY A 17 -5.16 -9.45 -1.38
C GLY A 17 -4.16 -9.52 -0.24
N GLY A 18 -4.03 -8.43 0.49
CA GLY A 18 -3.10 -8.39 1.61
C GLY A 18 -1.71 -7.98 1.19
N LYS A 19 -1.61 -6.89 0.44
CA LYS A 19 -0.32 -6.39 -0.03
C LYS A 19 -0.26 -4.87 0.05
N CYS A 20 -0.19 -4.35 1.27
CA CYS A 20 -0.13 -2.90 1.48
C CYS A 20 1.29 -2.46 1.82
N ALA A 21 1.90 -1.70 0.92
CA ALA A 21 3.26 -1.21 1.13
C ALA A 21 3.70 -0.32 -0.03
N TYR A 22 4.52 0.69 0.28
CA TYR A 22 5.01 1.61 -0.73
C TYR A 22 6.25 1.04 -1.43
N ASN A 23 6.37 1.31 -2.72
CA ASN A 23 7.51 0.83 -3.50
C ASN A 23 8.08 1.94 -4.36
N VAL A 24 9.00 2.72 -3.79
CA VAL A 24 9.64 3.82 -4.50
C VAL A 24 11.14 3.83 -4.28
N TRP A 25 11.86 4.52 -5.15
CA TRP A 25 13.32 4.61 -5.05
C TRP A 25 13.73 5.91 -4.36
N ASN A 26 12.87 6.92 -4.44
CA ASN A 26 13.16 8.21 -3.82
C ASN A 26 12.37 8.38 -2.52
N CYS A 27 11.37 7.53 -2.33
CA CYS A 27 10.54 7.59 -1.13
C CYS A 27 10.95 6.51 -0.14
N ILE A 28 12.19 6.58 0.32
CA ILE A 28 12.72 5.62 1.28
C ILE A 28 11.78 5.48 2.47
N GLY A 29 11.73 4.27 3.03
CA GLY A 29 10.87 4.03 4.18
C GLY A 29 11.09 5.03 5.30
N GLY A 30 10.10 5.89 5.52
CA GLY A 30 10.21 6.89 6.56
C GLY A 30 8.96 7.74 6.68
N GLY A 31 7.81 7.15 6.39
CA GLY A 31 6.55 7.87 6.47
C GLY A 31 5.96 8.15 5.11
N CYS A 32 6.14 7.22 4.17
CA CYS A 32 5.61 7.37 2.82
C CYS A 32 4.19 6.84 2.73
N SER A 33 3.63 6.84 1.52
CA SER A 33 2.28 6.36 1.30
C SER A 33 2.28 4.97 0.67
N LYS A 34 1.89 3.98 1.46
CA LYS A 34 1.85 2.60 0.98
C LYS A 34 0.74 2.41 -0.05
N THR A 35 0.89 1.40 -0.89
CA THR A 35 -0.09 1.10 -1.93
C THR A 35 -0.44 -0.38 -1.96
N CYS A 36 -1.59 -0.70 -2.54
CA CYS A 36 -2.04 -2.09 -2.64
C CYS A 36 -1.39 -2.79 -3.82
N GLY A 37 -1.16 -4.09 -3.67
CA GLY A 37 -0.55 -4.86 -4.73
C GLY A 37 -1.55 -5.78 -5.43
N TYR A 38 -2.44 -6.38 -4.66
CA TYR A 38 -3.44 -7.28 -5.21
C TYR A 38 -4.84 -6.70 -5.07
N SER A 1 -14.75 -4.03 4.42
CA SER A 1 -14.45 -3.70 3.03
C SER A 1 -12.95 -3.56 2.81
N CYS A 2 -12.49 -3.87 1.61
CA CYS A 2 -11.08 -3.77 1.27
C CYS A 2 -10.87 -2.94 0.00
N ASN A 3 -9.62 -2.86 -0.45
CA ASN A 3 -9.30 -2.10 -1.64
C ASN A 3 -8.55 -2.96 -2.66
N SER A 4 -8.25 -2.38 -3.82
CA SER A 4 -7.54 -3.10 -4.86
C SER A 4 -6.18 -2.46 -5.14
N LYS A 5 -5.35 -3.16 -5.90
CA LYS A 5 -4.02 -2.67 -6.24
C LYS A 5 -4.10 -1.25 -6.81
N GLY A 6 -3.09 -0.44 -6.50
CA GLY A 6 -3.06 0.92 -6.98
C GLY A 6 -3.75 1.89 -6.04
N THR A 7 -4.32 1.35 -4.96
CA THR A 7 -5.02 2.17 -3.98
C THR A 7 -4.16 2.38 -2.73
N PRO A 8 -4.10 3.63 -2.26
CA PRO A 8 -3.33 4.00 -1.07
C PRO A 8 -3.94 3.45 0.21
N CYS A 9 -3.09 3.02 1.14
CA CYS A 9 -3.55 2.48 2.42
C CYS A 9 -2.45 2.57 3.47
N THR A 10 -2.79 2.15 4.69
CA THR A 10 -1.83 2.18 5.79
C THR A 10 -1.66 0.80 6.42
N ASN A 11 -2.46 -0.15 5.96
CA ASN A 11 -2.39 -1.52 6.47
C ASN A 11 -2.74 -2.52 5.38
N ALA A 12 -2.30 -3.77 5.57
CA ALA A 12 -2.57 -4.83 4.60
C ALA A 12 -4.07 -5.16 4.55
N ASP A 13 -4.74 -5.01 5.68
CA ASP A 13 -6.16 -5.29 5.77
C ASP A 13 -6.95 -4.44 4.77
N GLU A 14 -6.35 -3.32 4.36
CA GLU A 14 -6.99 -2.41 3.42
C GLU A 14 -6.88 -2.95 2.00
N CYS A 15 -6.21 -4.08 1.84
CA CYS A 15 -6.02 -4.69 0.54
C CYS A 15 -6.69 -6.07 0.48
N CYS A 16 -7.63 -6.23 -0.44
CA CYS A 16 -8.34 -7.50 -0.60
C CYS A 16 -7.37 -8.66 -0.73
N GLY A 17 -6.17 -8.36 -1.20
CA GLY A 17 -5.16 -9.39 -1.37
C GLY A 17 -4.17 -9.43 -0.21
N GLY A 18 -4.12 -8.35 0.55
CA GLY A 18 -3.21 -8.28 1.68
C GLY A 18 -1.80 -7.90 1.27
N LYS A 19 -1.67 -6.82 0.51
CA LYS A 19 -0.37 -6.35 0.05
C LYS A 19 -0.29 -4.83 0.09
N CYS A 20 -0.27 -4.27 1.30
CA CYS A 20 -0.19 -2.83 1.47
C CYS A 20 1.24 -2.39 1.78
N ALA A 21 1.85 -1.67 0.84
CA ALA A 21 3.21 -1.19 1.01
C ALA A 21 3.62 -0.28 -0.14
N TYR A 22 4.47 0.69 0.14
CA TYR A 22 4.94 1.64 -0.86
C TYR A 22 6.19 1.12 -1.56
N ASN A 23 6.34 1.46 -2.83
CA ASN A 23 7.50 1.03 -3.61
C ASN A 23 8.09 2.20 -4.40
N VAL A 24 8.99 2.93 -3.75
CA VAL A 24 9.64 4.07 -4.37
C VAL A 24 11.16 4.03 -4.17
N TRP A 25 11.89 4.69 -5.06
CA TRP A 25 13.34 4.73 -4.97
C TRP A 25 13.82 5.96 -4.19
N ASN A 26 12.98 6.99 -4.17
CA ASN A 26 13.30 8.22 -3.46
C ASN A 26 12.42 8.40 -2.24
N CYS A 27 11.84 7.30 -1.77
CA CYS A 27 10.96 7.34 -0.60
C CYS A 27 11.08 6.05 0.21
N ILE A 28 12.23 5.84 0.81
CA ILE A 28 12.47 4.64 1.61
C ILE A 28 11.73 4.72 2.94
N GLY A 29 12.08 5.71 3.76
CA GLY A 29 11.43 5.87 5.05
C GLY A 29 11.21 7.33 5.40
N GLY A 30 9.95 7.74 5.41
CA GLY A 30 9.62 9.13 5.74
C GLY A 30 8.13 9.39 5.72
N GLY A 31 7.35 8.39 6.08
CA GLY A 31 5.91 8.55 6.09
C GLY A 31 5.31 8.53 4.70
N CYS A 32 5.91 7.73 3.82
CA CYS A 32 5.43 7.63 2.45
C CYS A 32 3.99 7.12 2.40
N SER A 33 3.52 6.81 1.20
CA SER A 33 2.15 6.32 1.02
C SER A 33 2.15 4.90 0.46
N LYS A 34 1.80 3.93 1.28
CA LYS A 34 1.75 2.53 0.87
C LYS A 34 0.62 2.30 -0.12
N THR A 35 0.85 1.39 -1.06
CA THR A 35 -0.16 1.06 -2.07
C THR A 35 -0.49 -0.42 -2.06
N CYS A 36 -1.65 -0.77 -2.62
CA CYS A 36 -2.08 -2.16 -2.67
C CYS A 36 -1.44 -2.88 -3.86
N GLY A 37 -1.15 -4.17 -3.67
CA GLY A 37 -0.54 -4.96 -4.73
C GLY A 37 -1.50 -5.95 -5.35
N TYR A 38 -2.33 -6.57 -4.50
CA TYR A 38 -3.30 -7.56 -4.97
C TYR A 38 -4.66 -7.32 -4.33
N SER A 1 -15.51 -4.36 1.60
CA SER A 1 -14.85 -3.37 2.45
C SER A 1 -13.34 -3.43 2.29
N CYS A 2 -12.89 -3.58 1.06
CA CYS A 2 -11.46 -3.65 0.78
C CYS A 2 -11.08 -2.71 -0.37
N ASN A 3 -9.82 -2.76 -0.80
CA ASN A 3 -9.34 -1.92 -1.88
C ASN A 3 -8.64 -2.76 -2.95
N SER A 4 -8.22 -2.10 -4.02
CA SER A 4 -7.54 -2.79 -5.12
C SER A 4 -6.15 -2.19 -5.35
N LYS A 5 -5.36 -2.88 -6.17
CA LYS A 5 -4.00 -2.43 -6.47
C LYS A 5 -4.02 -0.97 -6.95
N GLY A 6 -2.97 -0.23 -6.59
CA GLY A 6 -2.88 1.16 -6.99
C GLY A 6 -3.58 2.09 -6.02
N THR A 7 -4.17 1.51 -4.97
CA THR A 7 -4.88 2.30 -3.96
C THR A 7 -4.04 2.46 -2.70
N PRO A 8 -3.98 3.70 -2.18
CA PRO A 8 -3.22 4.01 -0.97
C PRO A 8 -3.84 3.41 0.28
N CYS A 9 -3.01 2.96 1.21
CA CYS A 9 -3.48 2.36 2.45
C CYS A 9 -2.41 2.41 3.53
N THR A 10 -2.75 1.97 4.73
CA THR A 10 -1.82 1.99 5.85
C THR A 10 -1.66 0.58 6.44
N ASN A 11 -2.46 -0.35 5.95
CA ASN A 11 -2.42 -1.72 6.42
C ASN A 11 -2.77 -2.70 5.31
N ALA A 12 -2.36 -3.95 5.48
CA ALA A 12 -2.64 -4.99 4.49
C ALA A 12 -4.14 -5.30 4.42
N ASP A 13 -4.81 -5.15 5.55
CA ASP A 13 -6.25 -5.42 5.61
C ASP A 13 -7.01 -4.56 4.60
N GLU A 14 -6.49 -3.35 4.35
CA GLU A 14 -7.11 -2.45 3.41
C GLU A 14 -7.13 -3.03 1.99
N CYS A 15 -6.29 -4.05 1.78
CA CYS A 15 -6.20 -4.71 0.48
C CYS A 15 -6.84 -6.09 0.53
N CYS A 16 -7.86 -6.29 -0.30
CA CYS A 16 -8.55 -7.57 -0.36
C CYS A 16 -7.57 -8.72 -0.56
N GLY A 17 -6.43 -8.42 -1.17
CA GLY A 17 -5.42 -9.43 -1.40
C GLY A 17 -4.41 -9.52 -0.29
N GLY A 18 -4.24 -8.42 0.45
CA GLY A 18 -3.29 -8.39 1.54
C GLY A 18 -1.90 -8.02 1.10
N LYS A 19 -1.79 -6.92 0.35
CA LYS A 19 -0.50 -6.45 -0.14
C LYS A 19 -0.40 -4.94 -0.05
N CYS A 20 -0.31 -4.41 1.17
CA CYS A 20 -0.21 -2.97 1.38
C CYS A 20 1.23 -2.58 1.69
N ALA A 21 1.83 -1.80 0.80
CA ALA A 21 3.21 -1.35 0.99
C ALA A 21 3.63 -0.44 -0.17
N TYR A 22 4.46 0.55 0.15
CA TYR A 22 4.95 1.49 -0.85
C TYR A 22 6.17 0.93 -1.58
N ASN A 23 6.32 1.29 -2.86
CA ASN A 23 7.44 0.83 -3.66
C ASN A 23 8.04 1.97 -4.47
N VAL A 24 8.98 2.69 -3.86
CA VAL A 24 9.63 3.81 -4.53
C VAL A 24 11.15 3.75 -4.34
N TRP A 25 11.87 4.49 -5.16
CA TRP A 25 13.33 4.52 -5.09
C TRP A 25 13.82 5.83 -4.49
N ASN A 26 12.92 6.80 -4.39
CA ASN A 26 13.26 8.11 -3.83
C ASN A 26 12.35 8.45 -2.66
N CYS A 27 11.78 7.42 -2.04
CA CYS A 27 10.89 7.61 -0.90
C CYS A 27 11.35 6.79 0.30
N ILE A 28 12.46 7.22 0.91
CA ILE A 28 13.00 6.52 2.07
C ILE A 28 11.94 6.30 3.13
N GLY A 29 12.06 5.20 3.86
CA GLY A 29 11.09 4.88 4.90
C GLY A 29 10.88 6.04 5.86
N GLY A 30 9.70 6.64 5.81
CA GLY A 30 9.39 7.76 6.69
C GLY A 30 8.78 8.93 5.94
N GLY A 31 7.46 8.93 5.84
CA GLY A 31 6.76 10.00 5.14
C GLY A 31 6.31 9.59 3.75
N CYS A 32 5.93 8.33 3.60
CA CYS A 32 5.48 7.81 2.32
C CYS A 32 4.04 7.31 2.41
N SER A 33 3.55 6.73 1.32
CA SER A 33 2.19 6.21 1.27
C SER A 33 2.16 4.81 0.65
N LYS A 34 1.86 3.81 1.47
CA LYS A 34 1.80 2.43 1.00
C LYS A 34 0.63 2.24 0.03
N THR A 35 0.83 1.37 -0.95
CA THR A 35 -0.20 1.09 -1.94
C THR A 35 -0.57 -0.40 -1.96
N CYS A 36 -1.71 -0.71 -2.55
CA CYS A 36 -2.18 -2.09 -2.64
C CYS A 36 -1.56 -2.80 -3.84
N GLY A 37 -1.36 -4.11 -3.71
CA GLY A 37 -0.78 -4.88 -4.79
C GLY A 37 -1.79 -5.78 -5.48
N TYR A 38 -2.68 -6.35 -4.70
CA TYR A 38 -3.71 -7.25 -5.23
C TYR A 38 -5.10 -6.64 -5.07
N SER A 1 -15.34 -4.92 3.01
CA SER A 1 -14.86 -3.67 2.43
C SER A 1 -13.34 -3.69 2.28
N CYS A 2 -12.88 -3.74 1.04
CA CYS A 2 -11.45 -3.77 0.76
C CYS A 2 -11.10 -2.82 -0.39
N ASN A 3 -9.85 -2.83 -0.81
CA ASN A 3 -9.38 -1.98 -1.89
C ASN A 3 -8.67 -2.79 -2.96
N SER A 4 -8.27 -2.12 -4.04
CA SER A 4 -7.57 -2.79 -5.14
C SER A 4 -6.19 -2.18 -5.35
N LYS A 5 -5.36 -2.87 -6.14
CA LYS A 5 -4.02 -2.39 -6.43
C LYS A 5 -4.05 -0.94 -6.92
N GLY A 6 -3.00 -0.19 -6.59
CA GLY A 6 -2.92 1.19 -7.01
C GLY A 6 -3.64 2.13 -6.04
N THR A 7 -4.23 1.55 -5.00
CA THR A 7 -4.95 2.34 -4.01
C THR A 7 -4.12 2.51 -2.74
N PRO A 8 -4.08 3.76 -2.23
CA PRO A 8 -3.33 4.08 -1.01
C PRO A 8 -3.97 3.49 0.24
N CYS A 9 -3.13 3.06 1.17
CA CYS A 9 -3.61 2.46 2.42
C CYS A 9 -2.55 2.56 3.51
N THR A 10 -2.90 2.11 4.72
CA THR A 10 -1.98 2.15 5.84
C THR A 10 -1.79 0.76 6.45
N ASN A 11 -2.55 -0.20 5.95
CA ASN A 11 -2.46 -1.57 6.42
C ASN A 11 -2.80 -2.57 5.32
N ALA A 12 -2.38 -3.81 5.50
CA ALA A 12 -2.64 -4.85 4.51
C ALA A 12 -4.13 -5.16 4.42
N ASP A 13 -4.83 -5.01 5.54
CA ASP A 13 -6.27 -5.27 5.57
C ASP A 13 -7.00 -4.43 4.54
N GLU A 14 -6.49 -3.23 4.29
CA GLU A 14 -7.09 -2.33 3.32
C GLU A 14 -7.09 -2.94 1.92
N CYS A 15 -6.26 -3.96 1.73
CA CYS A 15 -6.16 -4.65 0.44
C CYS A 15 -6.77 -6.04 0.52
N CYS A 16 -7.79 -6.28 -0.30
CA CYS A 16 -8.46 -7.57 -0.33
C CYS A 16 -7.44 -8.70 -0.52
N GLY A 17 -6.32 -8.39 -1.15
CA GLY A 17 -5.29 -9.38 -1.39
C GLY A 17 -4.30 -9.46 -0.25
N GLY A 18 -4.15 -8.36 0.48
CA GLY A 18 -3.22 -8.33 1.59
C GLY A 18 -1.81 -7.93 1.17
N LYS A 19 -1.72 -6.84 0.41
CA LYS A 19 -0.43 -6.34 -0.07
C LYS A 19 -0.37 -4.82 -0.01
N CYS A 20 -0.29 -4.29 1.21
CA CYS A 20 -0.22 -2.84 1.39
C CYS A 20 1.20 -2.40 1.73
N ALA A 21 1.82 -1.65 0.81
CA ALA A 21 3.17 -1.16 1.01
C ALA A 21 3.59 -0.24 -0.12
N TYR A 22 4.47 0.71 0.19
CA TYR A 22 4.95 1.67 -0.80
C TYR A 22 6.21 1.16 -1.48
N ASN A 23 6.35 1.49 -2.76
CA ASN A 23 7.51 1.07 -3.54
C ASN A 23 8.08 2.22 -4.35
N VAL A 24 8.96 2.99 -3.74
CA VAL A 24 9.58 4.13 -4.40
C VAL A 24 11.10 4.08 -4.28
N TRP A 25 11.78 4.78 -5.19
CA TRP A 25 13.23 4.81 -5.19
C TRP A 25 13.76 5.99 -4.38
N ASN A 26 12.95 7.05 -4.31
CA ASN A 26 13.33 8.25 -3.58
C ASN A 26 12.62 8.32 -2.23
N CYS A 27 11.56 7.52 -2.09
CA CYS A 27 10.79 7.48 -0.86
C CYS A 27 11.07 6.20 -0.08
N ILE A 28 12.32 6.02 0.32
CA ILE A 28 12.72 4.84 1.07
C ILE A 28 11.93 4.72 2.37
N GLY A 29 12.25 5.58 3.33
CA GLY A 29 11.56 5.56 4.60
C GLY A 29 11.32 6.95 5.16
N GLY A 30 10.05 7.35 5.23
CA GLY A 30 9.71 8.66 5.74
C GLY A 30 8.22 8.92 5.74
N GLY A 31 7.45 7.95 6.26
CA GLY A 31 6.02 8.10 6.31
C GLY A 31 5.39 8.19 4.93
N CYS A 32 5.96 7.47 3.98
CA CYS A 32 5.46 7.47 2.61
C CYS A 32 4.03 6.97 2.56
N SER A 33 3.50 6.78 1.35
CA SER A 33 2.14 6.30 1.16
C SER A 33 2.13 4.90 0.57
N LYS A 34 1.76 3.92 1.38
CA LYS A 34 1.71 2.52 0.95
C LYS A 34 0.58 2.31 -0.06
N THR A 35 0.81 1.43 -1.02
CA THR A 35 -0.20 1.13 -2.03
C THR A 35 -0.56 -0.34 -2.03
N CYS A 36 -1.69 -0.67 -2.65
CA CYS A 36 -2.15 -2.05 -2.72
C CYS A 36 -1.52 -2.78 -3.91
N GLY A 37 -1.29 -4.08 -3.75
CA GLY A 37 -0.70 -4.86 -4.80
C GLY A 37 -1.70 -5.78 -5.48
N TYR A 38 -2.58 -6.37 -4.68
CA TYR A 38 -3.60 -7.28 -5.21
C TYR A 38 -5.00 -6.71 -5.02
N SER A 1 -15.23 -4.72 3.71
CA SER A 1 -14.81 -4.13 2.45
C SER A 1 -13.30 -4.19 2.30
N CYS A 2 -12.80 -3.81 1.14
CA CYS A 2 -11.37 -3.82 0.86
C CYS A 2 -11.03 -2.88 -0.29
N ASN A 3 -9.76 -2.88 -0.69
CA ASN A 3 -9.30 -2.03 -1.78
C ASN A 3 -8.60 -2.85 -2.86
N SER A 4 -8.21 -2.19 -3.94
CA SER A 4 -7.53 -2.86 -5.04
C SER A 4 -6.16 -2.24 -5.29
N LYS A 5 -5.35 -2.93 -6.09
CA LYS A 5 -4.01 -2.44 -6.42
C LYS A 5 -4.06 -1.01 -6.92
N GLY A 6 -3.08 -0.21 -6.49
CA GLY A 6 -3.03 1.18 -6.91
C GLY A 6 -3.74 2.10 -5.94
N THR A 7 -4.30 1.53 -4.88
CA THR A 7 -5.01 2.31 -3.88
C THR A 7 -4.17 2.51 -2.62
N PRO A 8 -4.13 3.75 -2.12
CA PRO A 8 -3.37 4.10 -0.93
C PRO A 8 -3.97 3.50 0.34
N CYS A 9 -3.11 3.07 1.26
CA CYS A 9 -3.56 2.48 2.52
C CYS A 9 -2.47 2.56 3.58
N THR A 10 -2.80 2.12 4.79
CA THR A 10 -1.85 2.14 5.89
C THR A 10 -1.65 0.75 6.49
N ASN A 11 -2.44 -0.20 6.01
CA ASN A 11 -2.35 -1.58 6.49
C ASN A 11 -2.70 -2.56 5.39
N ALA A 12 -2.25 -3.81 5.55
CA ALA A 12 -2.51 -4.85 4.57
C ALA A 12 -4.00 -5.18 4.50
N ASP A 13 -4.69 -5.05 5.63
CA ASP A 13 -6.12 -5.32 5.68
C ASP A 13 -6.88 -4.48 4.67
N GLU A 14 -6.37 -3.28 4.40
CA GLU A 14 -7.01 -2.37 3.44
C GLU A 14 -7.01 -2.99 2.04
N CYS A 15 -6.18 -4.00 1.85
CA CYS A 15 -6.09 -4.66 0.55
C CYS A 15 -6.68 -6.07 0.62
N CYS A 16 -7.71 -6.32 -0.19
CA CYS A 16 -8.36 -7.61 -0.22
C CYS A 16 -7.35 -8.74 -0.42
N GLY A 17 -6.23 -8.41 -1.06
CA GLY A 17 -5.19 -9.40 -1.30
C GLY A 17 -4.18 -9.45 -0.19
N GLY A 18 -4.03 -8.35 0.54
CA GLY A 18 -3.08 -8.31 1.64
C GLY A 18 -1.69 -7.89 1.19
N LYS A 19 -1.61 -6.79 0.46
CA LYS A 19 -0.34 -6.29 -0.04
C LYS A 19 -0.29 -4.77 0.02
N CYS A 20 -0.22 -4.24 1.24
CA CYS A 20 -0.16 -2.79 1.44
C CYS A 20 1.26 -2.35 1.77
N ALA A 21 1.87 -1.60 0.86
CA ALA A 21 3.23 -1.10 1.04
C ALA A 21 3.65 -0.18 -0.10
N TYR A 22 4.49 0.79 0.20
CA TYR A 22 4.96 1.74 -0.80
C TYR A 22 6.22 1.22 -1.49
N ASN A 23 6.35 1.54 -2.78
CA ASN A 23 7.50 1.11 -3.55
C ASN A 23 8.11 2.28 -4.32
N VAL A 24 9.02 3.00 -3.67
CA VAL A 24 9.67 4.14 -4.29
C VAL A 24 11.19 4.08 -4.10
N TRP A 25 11.92 4.70 -5.02
CA TRP A 25 13.37 4.71 -4.95
C TRP A 25 13.88 5.92 -4.16
N ASN A 26 13.06 6.97 -4.12
CA ASN A 26 13.42 8.19 -3.41
C ASN A 26 12.65 8.31 -2.10
N CYS A 27 11.65 7.44 -1.94
CA CYS A 27 10.82 7.44 -0.73
C CYS A 27 10.93 6.12 0.00
N ILE A 28 12.11 5.84 0.55
CA ILE A 28 12.35 4.60 1.28
C ILE A 28 11.65 4.62 2.62
N GLY A 29 12.05 5.54 3.49
CA GLY A 29 11.45 5.65 4.81
C GLY A 29 11.29 7.09 5.26
N GLY A 30 10.04 7.55 5.35
CA GLY A 30 9.79 8.91 5.77
C GLY A 30 8.30 9.24 5.77
N GLY A 31 7.49 8.28 6.17
CA GLY A 31 6.05 8.51 6.21
C GLY A 31 5.43 8.54 4.82
N CYS A 32 5.97 7.72 3.93
CA CYS A 32 5.47 7.65 2.56
C CYS A 32 4.03 7.14 2.53
N SER A 33 3.53 6.87 1.33
CA SER A 33 2.17 6.39 1.16
C SER A 33 2.16 4.99 0.56
N LYS A 34 1.80 4.00 1.39
CA LYS A 34 1.75 2.62 0.95
C LYS A 34 0.60 2.40 -0.04
N THR A 35 0.80 1.48 -0.97
CA THR A 35 -0.22 1.17 -1.97
C THR A 35 -0.55 -0.32 -1.98
N CYS A 36 -1.69 -0.66 -2.58
CA CYS A 36 -2.13 -2.05 -2.65
C CYS A 36 -1.49 -2.75 -3.85
N GLY A 37 -1.22 -4.05 -3.68
CA GLY A 37 -0.62 -4.82 -4.74
C GLY A 37 -1.58 -5.80 -5.38
N TYR A 38 -2.43 -6.41 -4.55
CA TYR A 38 -3.40 -7.38 -5.03
C TYR A 38 -4.77 -7.15 -4.40
N SER A 1 -15.30 -4.26 3.83
CA SER A 1 -14.88 -3.82 2.51
C SER A 1 -13.36 -3.89 2.37
N CYS A 2 -12.88 -3.73 1.14
CA CYS A 2 -11.45 -3.78 0.87
C CYS A 2 -11.09 -2.87 -0.30
N ASN A 3 -9.82 -2.90 -0.69
CA ASN A 3 -9.34 -2.06 -1.80
C ASN A 3 -8.63 -2.91 -2.85
N SER A 4 -8.22 -2.28 -3.93
CA SER A 4 -7.52 -2.96 -5.02
C SER A 4 -6.14 -2.37 -5.25
N LYS A 5 -5.32 -3.06 -6.03
CA LYS A 5 -3.97 -2.60 -6.33
C LYS A 5 -4.00 -1.16 -6.86
N GLY A 6 -2.96 -0.40 -6.55
CA GLY A 6 -2.89 0.98 -7.00
C GLY A 6 -3.57 1.94 -6.05
N THR A 7 -4.16 1.39 -4.98
CA THR A 7 -4.86 2.20 -4.00
C THR A 7 -4.03 2.38 -2.75
N PRO A 8 -3.95 3.62 -2.25
CA PRO A 8 -3.19 3.95 -1.04
C PRO A 8 -3.83 3.38 0.22
N CYS A 9 -3.00 2.95 1.17
CA CYS A 9 -3.49 2.40 2.42
C CYS A 9 -2.43 2.49 3.52
N THR A 10 -2.78 2.06 4.73
CA THR A 10 -1.87 2.11 5.85
C THR A 10 -1.69 0.72 6.46
N ASN A 11 -2.47 -0.25 5.97
CA ASN A 11 -2.39 -1.61 6.47
C ASN A 11 -2.75 -2.61 5.37
N ALA A 12 -2.34 -3.86 5.57
CA ALA A 12 -2.62 -4.91 4.60
C ALA A 12 -4.11 -5.21 4.53
N ASP A 13 -4.79 -5.06 5.66
CA ASP A 13 -6.22 -5.32 5.73
C ASP A 13 -6.98 -4.48 4.70
N GLU A 14 -6.45 -3.29 4.41
CA GLU A 14 -7.08 -2.39 3.46
C GLU A 14 -7.10 -3.01 2.06
N CYS A 15 -6.28 -4.04 1.87
CA CYS A 15 -6.20 -4.72 0.58
C CYS A 15 -6.81 -6.13 0.67
N CYS A 16 -7.85 -6.36 -0.14
CA CYS A 16 -8.52 -7.65 -0.15
C CYS A 16 -7.52 -8.78 -0.33
N GLY A 17 -6.40 -8.48 -0.98
CA GLY A 17 -5.38 -9.49 -1.22
C GLY A 17 -4.36 -9.55 -0.10
N GLY A 18 -4.20 -8.44 0.62
CA GLY A 18 -3.25 -8.39 1.72
C GLY A 18 -1.86 -8.02 1.25
N LYS A 19 -1.75 -6.92 0.51
CA LYS A 19 -0.46 -6.46 0.00
C LYS A 19 -0.37 -4.94 0.06
N CYS A 20 -0.27 -4.40 1.26
CA CYS A 20 -0.18 -2.95 1.45
C CYS A 20 1.25 -2.54 1.77
N ALA A 21 1.85 -1.78 0.86
CA ALA A 21 3.22 -1.31 1.04
C ALA A 21 3.64 -0.39 -0.09
N TYR A 22 4.52 0.57 0.23
CA TYR A 22 4.99 1.52 -0.78
C TYR A 22 6.23 0.99 -1.48
N ASN A 23 6.36 1.32 -2.77
CA ASN A 23 7.50 0.88 -3.57
C ASN A 23 8.08 2.03 -4.38
N VAL A 24 8.99 2.78 -3.77
CA VAL A 24 9.62 3.91 -4.43
C VAL A 24 11.13 3.90 -4.22
N TRP A 25 11.85 4.64 -5.07
CA TRP A 25 13.30 4.71 -4.97
C TRP A 25 13.74 6.03 -4.37
N ASN A 26 12.86 7.03 -4.44
CA ASN A 26 13.17 8.34 -3.88
C ASN A 26 12.28 8.65 -2.68
N CYS A 27 11.78 7.61 -2.05
CA CYS A 27 10.91 7.76 -0.88
C CYS A 27 11.23 6.69 0.17
N ILE A 28 12.41 6.79 0.78
CA ILE A 28 12.82 5.83 1.79
C ILE A 28 11.76 5.67 2.87
N GLY A 29 11.66 4.48 3.43
CA GLY A 29 10.68 4.22 4.47
C GLY A 29 10.73 5.24 5.58
N GLY A 30 9.70 6.06 5.68
CA GLY A 30 9.64 7.09 6.71
C GLY A 30 8.96 8.36 6.24
N GLY A 31 7.68 8.24 5.90
CA GLY A 31 6.94 9.39 5.44
C GLY A 31 6.41 9.22 4.03
N CYS A 32 6.03 7.99 3.69
CA CYS A 32 5.51 7.68 2.36
C CYS A 32 4.07 7.17 2.45
N SER A 33 3.55 6.71 1.32
CA SER A 33 2.19 6.19 1.26
C SER A 33 2.17 4.80 0.65
N LYS A 34 1.86 3.80 1.48
CA LYS A 34 1.79 2.42 1.03
C LYS A 34 0.64 2.22 0.05
N THR A 35 0.84 1.31 -0.90
CA THR A 35 -0.19 1.01 -1.90
C THR A 35 -0.56 -0.46 -1.89
N CYS A 36 -1.69 -0.79 -2.50
CA CYS A 36 -2.16 -2.16 -2.57
C CYS A 36 -1.52 -2.89 -3.75
N GLY A 37 -1.34 -4.20 -3.60
CA GLY A 37 -0.75 -4.99 -4.66
C GLY A 37 -1.73 -5.97 -5.28
N TYR A 38 -2.59 -6.55 -4.45
CA TYR A 38 -3.58 -7.52 -4.91
C TYR A 38 -4.93 -7.27 -4.25
N SER A 1 -15.37 -4.60 3.28
CA SER A 1 -14.88 -3.41 2.60
C SER A 1 -13.36 -3.47 2.44
N CYS A 2 -12.91 -3.57 1.20
CA CYS A 2 -11.48 -3.63 0.91
C CYS A 2 -11.12 -2.69 -0.24
N ASN A 3 -9.85 -2.73 -0.65
CA ASN A 3 -9.38 -1.89 -1.74
C ASN A 3 -8.71 -2.73 -2.83
N SER A 4 -8.32 -2.07 -3.91
CA SER A 4 -7.67 -2.74 -5.03
C SER A 4 -6.29 -2.17 -5.29
N LYS A 5 -5.50 -2.88 -6.10
CA LYS A 5 -4.14 -2.45 -6.43
C LYS A 5 -4.15 -1.00 -6.92
N GLY A 6 -3.15 -0.24 -6.50
CA GLY A 6 -3.06 1.15 -6.91
C GLY A 6 -3.73 2.09 -5.93
N THR A 7 -4.29 1.54 -4.87
CA THR A 7 -4.97 2.33 -3.86
C THR A 7 -4.12 2.49 -2.61
N PRO A 8 -4.02 3.72 -2.10
CA PRO A 8 -3.23 4.02 -0.90
C PRO A 8 -3.86 3.45 0.36
N CYS A 9 -3.00 2.99 1.28
CA CYS A 9 -3.47 2.40 2.53
C CYS A 9 -2.37 2.46 3.59
N THR A 10 -2.71 2.01 4.80
CA THR A 10 -1.76 2.00 5.90
C THR A 10 -1.59 0.61 6.48
N ASN A 11 -2.40 -0.34 5.99
CA ASN A 11 -2.33 -1.71 6.46
C ASN A 11 -2.72 -2.68 5.35
N ALA A 12 -2.31 -3.94 5.50
CA ALA A 12 -2.62 -4.96 4.51
C ALA A 12 -4.12 -5.24 4.46
N ASP A 13 -4.78 -5.10 5.60
CA ASP A 13 -6.22 -5.34 5.67
C ASP A 13 -6.98 -4.47 4.67
N GLU A 14 -6.43 -3.29 4.40
CA GLU A 14 -7.06 -2.36 3.46
C GLU A 14 -7.09 -2.96 2.05
N CYS A 15 -6.29 -4.00 1.84
CA CYS A 15 -6.24 -4.66 0.54
C CYS A 15 -6.87 -6.04 0.60
N CYS A 16 -7.91 -6.25 -0.20
CA CYS A 16 -8.61 -7.52 -0.24
C CYS A 16 -7.63 -8.67 -0.46
N GLY A 17 -6.51 -8.36 -1.11
CA GLY A 17 -5.50 -9.38 -1.37
C GLY A 17 -4.48 -9.47 -0.27
N GLY A 18 -4.29 -8.39 0.48
CA GLY A 18 -3.33 -8.37 1.56
C GLY A 18 -1.93 -8.01 1.09
N LYS A 19 -1.83 -6.90 0.37
CA LYS A 19 -0.54 -6.44 -0.14
C LYS A 19 -0.44 -4.92 -0.07
N CYS A 20 -0.34 -4.40 1.16
CA CYS A 20 -0.23 -2.96 1.36
C CYS A 20 1.20 -2.56 1.67
N ALA A 21 1.82 -1.81 0.76
CA ALA A 21 3.20 -1.37 0.95
C ALA A 21 3.62 -0.42 -0.18
N TYR A 22 4.52 0.51 0.14
CA TYR A 22 5.00 1.47 -0.84
C TYR A 22 6.23 0.94 -1.57
N ASN A 23 6.36 1.31 -2.84
CA ASN A 23 7.49 0.87 -3.65
C ASN A 23 8.10 2.04 -4.41
N VAL A 24 9.06 2.72 -3.77
CA VAL A 24 9.72 3.87 -4.39
C VAL A 24 11.23 3.80 -4.17
N TRP A 25 11.97 4.56 -4.96
CA TRP A 25 13.43 4.60 -4.84
C TRP A 25 13.89 5.92 -4.25
N ASN A 26 13.02 6.93 -4.28
CA ASN A 26 13.35 8.24 -3.73
C ASN A 26 12.41 8.60 -2.59
N CYS A 27 11.84 7.59 -1.96
CA CYS A 27 10.92 7.80 -0.84
C CYS A 27 11.39 7.04 0.39
N ILE A 28 12.49 7.49 0.97
CA ILE A 28 13.04 6.85 2.17
C ILE A 28 11.97 6.67 3.24
N GLY A 29 12.07 5.58 3.99
CA GLY A 29 11.11 5.31 5.04
C GLY A 29 10.93 6.48 5.98
N GLY A 30 9.75 7.09 5.95
CA GLY A 30 9.48 8.22 6.81
C GLY A 30 8.74 9.33 6.09
N GLY A 31 7.49 9.07 5.73
CA GLY A 31 6.68 10.05 5.04
C GLY A 31 6.25 9.59 3.66
N CYS A 32 5.98 8.29 3.53
CA CYS A 32 5.56 7.72 2.25
C CYS A 32 4.11 7.27 2.32
N SER A 33 3.65 6.62 1.26
CA SER A 33 2.26 6.13 1.19
C SER A 33 2.22 4.74 0.58
N LYS A 34 1.90 3.75 1.41
CA LYS A 34 1.81 2.36 0.95
C LYS A 34 0.63 2.19 -0.01
N THR A 35 0.82 1.30 -0.98
CA THR A 35 -0.22 1.04 -1.98
C THR A 35 -0.60 -0.44 -1.99
N CYS A 36 -1.74 -0.74 -2.60
CA CYS A 36 -2.23 -2.11 -2.68
C CYS A 36 -1.61 -2.84 -3.88
N GLY A 37 -1.40 -4.14 -3.73
CA GLY A 37 -0.82 -4.93 -4.80
C GLY A 37 -1.83 -5.88 -5.42
N TYR A 38 -2.61 -6.54 -4.57
CA TYR A 38 -3.60 -7.50 -5.05
C TYR A 38 -4.94 -7.28 -4.34
N SER A 1 -15.30 -4.28 2.17
CA SER A 1 -14.68 -3.06 2.67
C SER A 1 -13.17 -3.09 2.45
N CYS A 2 -12.76 -3.54 1.28
CA CYS A 2 -11.34 -3.62 0.95
C CYS A 2 -11.00 -2.69 -0.21
N ASN A 3 -9.79 -2.83 -0.73
CA ASN A 3 -9.33 -2.00 -1.84
C ASN A 3 -8.63 -2.86 -2.91
N SER A 4 -8.24 -2.21 -4.00
CA SER A 4 -7.56 -2.90 -5.09
C SER A 4 -6.16 -2.32 -5.32
N LYS A 5 -5.38 -3.01 -6.14
CA LYS A 5 -4.02 -2.57 -6.45
C LYS A 5 -4.02 -1.11 -6.92
N GLY A 6 -2.96 -0.39 -6.58
CA GLY A 6 -2.85 1.00 -6.98
C GLY A 6 -3.60 1.94 -6.04
N THR A 7 -4.17 1.37 -4.98
CA THR A 7 -4.91 2.16 -4.01
C THR A 7 -4.10 2.38 -2.75
N PRO A 8 -4.09 3.63 -2.26
CA PRO A 8 -3.35 4.00 -1.05
C PRO A 8 -3.97 3.43 0.22
N CYS A 9 -3.12 3.02 1.15
CA CYS A 9 -3.60 2.43 2.41
C CYS A 9 -2.52 2.55 3.49
N THR A 10 -2.86 2.11 4.70
CA THR A 10 -1.94 2.17 5.82
C THR A 10 -1.74 0.78 6.44
N ASN A 11 -2.51 -0.19 5.96
CA ASN A 11 -2.43 -1.55 6.47
C ASN A 11 -2.76 -2.56 5.37
N ALA A 12 -2.32 -3.80 5.57
CA ALA A 12 -2.57 -4.86 4.60
C ALA A 12 -4.05 -5.19 4.53
N ASP A 13 -4.75 -5.04 5.65
CA ASP A 13 -6.18 -5.32 5.71
C ASP A 13 -6.94 -4.50 4.68
N GLU A 14 -6.44 -3.29 4.41
CA GLU A 14 -7.09 -2.40 3.44
C GLU A 14 -7.07 -3.03 2.05
N CYS A 15 -6.22 -4.03 1.86
CA CYS A 15 -6.11 -4.71 0.57
C CYS A 15 -6.73 -6.10 0.64
N CYS A 16 -7.73 -6.33 -0.19
CA CYS A 16 -8.42 -7.62 -0.24
C CYS A 16 -7.42 -8.75 -0.41
N GLY A 17 -6.27 -8.44 -1.01
CA GLY A 17 -5.24 -9.45 -1.22
C GLY A 17 -4.24 -9.50 -0.09
N GLY A 18 -4.09 -8.38 0.62
CA GLY A 18 -3.15 -8.33 1.72
C GLY A 18 -1.75 -7.92 1.27
N LYS A 19 -1.67 -6.84 0.51
CA LYS A 19 -0.39 -6.35 0.02
C LYS A 19 -0.32 -4.83 0.07
N CYS A 20 -0.24 -4.29 1.29
CA CYS A 20 -0.19 -2.84 1.47
C CYS A 20 1.24 -2.40 1.78
N ALA A 21 1.84 -1.66 0.87
CA ALA A 21 3.21 -1.17 1.04
C ALA A 21 3.63 -0.26 -0.12
N TYR A 22 4.48 0.70 0.18
CA TYR A 22 4.96 1.63 -0.84
C TYR A 22 6.23 1.11 -1.52
N ASN A 23 6.39 1.44 -2.79
CA ASN A 23 7.56 1.00 -3.54
C ASN A 23 8.15 2.16 -4.35
N VAL A 24 9.02 2.93 -3.72
CA VAL A 24 9.67 4.06 -4.37
C VAL A 24 11.18 4.03 -4.17
N TRP A 25 11.90 4.68 -5.07
CA TRP A 25 13.36 4.73 -4.99
C TRP A 25 13.82 5.98 -4.25
N ASN A 26 12.98 7.01 -4.24
CA ASN A 26 13.30 8.26 -3.57
C ASN A 26 12.48 8.43 -2.31
N CYS A 27 11.68 7.41 -1.99
CA CYS A 27 10.83 7.44 -0.80
C CYS A 27 10.93 6.14 -0.02
N ILE A 28 12.07 5.93 0.64
CA ILE A 28 12.29 4.72 1.42
C ILE A 28 11.54 4.78 2.75
N GLY A 29 11.89 5.77 3.57
CA GLY A 29 11.23 5.92 4.86
C GLY A 29 11.00 7.37 5.23
N GLY A 30 9.99 7.61 6.07
CA GLY A 30 9.68 8.98 6.47
C GLY A 30 8.19 9.22 6.56
N GLY A 31 7.41 8.28 6.04
CA GLY A 31 5.96 8.42 6.07
C GLY A 31 5.35 8.44 4.69
N CYS A 32 5.93 7.67 3.77
CA CYS A 32 5.44 7.60 2.40
C CYS A 32 4.01 7.09 2.37
N SER A 33 3.51 6.83 1.15
CA SER A 33 2.16 6.33 0.98
C SER A 33 2.16 4.91 0.42
N LYS A 34 1.80 3.95 1.27
CA LYS A 34 1.75 2.55 0.86
C LYS A 34 0.61 2.30 -0.13
N THR A 35 0.85 1.39 -1.06
CA THR A 35 -0.16 1.06 -2.07
C THR A 35 -0.55 -0.41 -1.99
N CYS A 36 -1.67 -0.75 -2.62
CA CYS A 36 -2.14 -2.13 -2.62
C CYS A 36 -1.55 -2.92 -3.79
N GLY A 37 -1.36 -4.21 -3.58
CA GLY A 37 -0.79 -5.06 -4.62
C GLY A 37 -1.81 -5.97 -5.25
N TYR A 38 -2.55 -6.70 -4.42
CA TYR A 38 -3.56 -7.62 -4.89
C TYR A 38 -4.96 -7.21 -4.41
N SER A 1 -15.57 -4.73 1.85
CA SER A 1 -14.91 -3.69 2.63
C SER A 1 -13.39 -3.76 2.47
N CYS A 2 -12.93 -3.62 1.24
CA CYS A 2 -11.50 -3.67 0.95
C CYS A 2 -11.15 -2.74 -0.22
N ASN A 3 -9.89 -2.77 -0.63
CA ASN A 3 -9.43 -1.94 -1.73
C ASN A 3 -8.73 -2.76 -2.80
N SER A 4 -8.35 -2.13 -3.89
CA SER A 4 -7.69 -2.81 -4.99
C SER A 4 -6.30 -2.22 -5.24
N LYS A 5 -5.50 -2.92 -6.03
CA LYS A 5 -4.14 -2.46 -6.35
C LYS A 5 -4.16 -1.01 -6.85
N GLY A 6 -3.10 -0.27 -6.53
CA GLY A 6 -3.02 1.11 -6.95
C GLY A 6 -3.69 2.06 -5.98
N THR A 7 -4.27 1.51 -4.93
CA THR A 7 -4.96 2.31 -3.92
C THR A 7 -4.10 2.48 -2.67
N PRO A 8 -4.01 3.72 -2.17
CA PRO A 8 -3.23 4.04 -0.98
C PRO A 8 -3.85 3.47 0.29
N CYS A 9 -3.01 2.99 1.20
CA CYS A 9 -3.47 2.42 2.46
C CYS A 9 -2.38 2.49 3.52
N THR A 10 -2.72 2.05 4.73
CA THR A 10 -1.77 2.06 5.84
C THR A 10 -1.60 0.67 6.43
N ASN A 11 -2.40 -0.28 5.95
CA ASN A 11 -2.35 -1.65 6.43
C ASN A 11 -2.73 -2.63 5.34
N ALA A 12 -2.33 -3.89 5.50
CA ALA A 12 -2.63 -4.93 4.53
C ALA A 12 -4.13 -5.21 4.47
N ASP A 13 -4.79 -5.04 5.61
CA ASP A 13 -6.23 -5.28 5.69
C ASP A 13 -6.99 -4.42 4.68
N GLU A 14 -6.45 -3.24 4.40
CA GLU A 14 -7.08 -2.32 3.46
C GLU A 14 -7.11 -2.94 2.06
N CYS A 15 -6.32 -3.97 1.85
CA CYS A 15 -6.26 -4.65 0.56
C CYS A 15 -6.88 -6.03 0.64
N CYS A 16 -7.93 -6.26 -0.15
CA CYS A 16 -8.62 -7.54 -0.16
C CYS A 16 -7.64 -8.68 -0.38
N GLY A 17 -6.52 -8.39 -1.04
CA GLY A 17 -5.52 -9.40 -1.30
C GLY A 17 -4.48 -9.48 -0.20
N GLY A 18 -4.30 -8.39 0.53
CA GLY A 18 -3.34 -8.36 1.61
C GLY A 18 -1.94 -8.01 1.13
N LYS A 19 -1.84 -6.90 0.41
CA LYS A 19 -0.56 -6.44 -0.11
C LYS A 19 -0.45 -4.92 -0.05
N CYS A 20 -0.35 -4.38 1.17
CA CYS A 20 -0.24 -2.95 1.36
C CYS A 20 1.20 -2.54 1.67
N ALA A 21 1.80 -1.78 0.76
CA ALA A 21 3.17 -1.34 0.93
C ALA A 21 3.58 -0.39 -0.20
N TYR A 22 4.48 0.54 0.10
CA TYR A 22 4.95 1.51 -0.88
C TYR A 22 6.18 0.97 -1.61
N ASN A 23 6.32 1.36 -2.88
CA ASN A 23 7.45 0.92 -3.69
C ASN A 23 8.05 2.11 -4.46
N VAL A 24 9.04 2.76 -3.84
CA VAL A 24 9.70 3.90 -4.47
C VAL A 24 11.22 3.78 -4.37
N TRP A 25 11.92 4.55 -5.19
CA TRP A 25 13.38 4.53 -5.20
C TRP A 25 13.95 5.77 -4.55
N ASN A 26 13.10 6.79 -4.39
CA ASN A 26 13.52 8.05 -3.78
C ASN A 26 12.59 8.44 -2.64
N CYS A 27 11.96 7.44 -2.03
CA CYS A 27 11.03 7.67 -0.92
C CYS A 27 11.38 6.79 0.27
N ILE A 28 12.48 7.11 0.94
CA ILE A 28 12.92 6.34 2.09
C ILE A 28 11.79 6.18 3.10
N GLY A 29 11.81 5.05 3.81
CA GLY A 29 10.78 4.79 4.80
C GLY A 29 10.60 5.94 5.78
N GLY A 30 9.47 6.62 5.70
CA GLY A 30 9.20 7.74 6.58
C GLY A 30 8.71 8.96 5.84
N GLY A 31 7.43 8.96 5.49
CA GLY A 31 6.85 10.07 4.77
C GLY A 31 6.31 9.68 3.41
N CYS A 32 6.02 8.40 3.23
CA CYS A 32 5.50 7.89 1.97
C CYS A 32 4.07 7.38 2.15
N SER A 33 3.56 6.71 1.11
CA SER A 33 2.20 6.18 1.14
C SER A 33 2.16 4.78 0.54
N LYS A 34 1.86 3.79 1.38
CA LYS A 34 1.79 2.41 0.93
C LYS A 34 0.61 2.21 -0.03
N THR A 35 0.80 1.33 -1.01
CA THR A 35 -0.23 1.05 -1.99
C THR A 35 -0.62 -0.43 -1.99
N CYS A 36 -1.76 -0.74 -2.59
CA CYS A 36 -2.23 -2.12 -2.66
C CYS A 36 -1.63 -2.85 -3.84
N GLY A 37 -1.43 -4.15 -3.69
CA GLY A 37 -0.85 -4.95 -4.76
C GLY A 37 -1.86 -5.90 -5.39
N TYR A 38 -2.71 -6.49 -4.56
CA TYR A 38 -3.72 -7.42 -5.03
C TYR A 38 -5.07 -7.17 -4.35
N SER A 1 -15.27 -4.00 2.66
CA SER A 1 -14.93 -2.72 2.03
C SER A 1 -13.44 -2.63 1.75
N CYS A 2 -12.85 -3.75 1.33
CA CYS A 2 -11.43 -3.80 1.02
C CYS A 2 -11.09 -2.86 -0.13
N ASN A 3 -9.83 -2.92 -0.58
CA ASN A 3 -9.38 -2.07 -1.67
C ASN A 3 -8.69 -2.90 -2.75
N SER A 4 -8.32 -2.24 -3.85
CA SER A 4 -7.65 -2.92 -4.95
C SER A 4 -6.28 -2.33 -5.21
N LYS A 5 -5.47 -3.03 -6.00
CA LYS A 5 -4.13 -2.56 -6.34
C LYS A 5 -4.16 -1.12 -6.85
N GLY A 6 -3.13 -0.35 -6.49
CA GLY A 6 -3.07 1.04 -6.93
C GLY A 6 -3.74 1.98 -5.95
N THR A 7 -4.30 1.43 -4.88
CA THR A 7 -4.98 2.23 -3.88
C THR A 7 -4.11 2.39 -2.63
N PRO A 8 -4.02 3.64 -2.13
CA PRO A 8 -3.22 3.95 -0.94
C PRO A 8 -3.84 3.38 0.34
N CYS A 9 -2.98 2.92 1.24
CA CYS A 9 -3.44 2.34 2.49
C CYS A 9 -2.33 2.41 3.55
N THR A 10 -2.66 1.97 4.76
CA THR A 10 -1.69 1.98 5.86
C THR A 10 -1.51 0.59 6.45
N ASN A 11 -2.32 -0.36 5.97
CA ASN A 11 -2.25 -1.73 6.45
C ASN A 11 -2.63 -2.71 5.35
N ALA A 12 -2.21 -3.97 5.51
CA ALA A 12 -2.52 -5.01 4.53
C ALA A 12 -4.01 -5.30 4.48
N ASP A 13 -4.67 -5.15 5.62
CA ASP A 13 -6.11 -5.40 5.72
C ASP A 13 -6.87 -4.55 4.71
N GLU A 14 -6.35 -3.37 4.42
CA GLU A 14 -6.98 -2.45 3.48
C GLU A 14 -7.02 -3.06 2.08
N CYS A 15 -6.22 -4.09 1.87
CA CYS A 15 -6.16 -4.76 0.57
C CYS A 15 -6.77 -6.16 0.67
N CYS A 16 -7.82 -6.40 -0.12
CA CYS A 16 -8.49 -7.70 -0.13
C CYS A 16 -7.49 -8.82 -0.35
N GLY A 17 -6.39 -8.50 -1.03
CA GLY A 17 -5.37 -9.50 -1.30
C GLY A 17 -4.33 -9.58 -0.19
N GLY A 18 -4.16 -8.48 0.54
CA GLY A 18 -3.18 -8.45 1.61
C GLY A 18 -1.80 -8.07 1.13
N LYS A 19 -1.71 -6.96 0.40
CA LYS A 19 -0.43 -6.48 -0.12
C LYS A 19 -0.35 -4.97 -0.05
N CYS A 20 -0.24 -4.44 1.16
CA CYS A 20 -0.15 -3.00 1.36
C CYS A 20 1.28 -2.58 1.67
N ALA A 21 1.89 -1.84 0.75
CA ALA A 21 3.26 -1.38 0.92
C ALA A 21 3.68 -0.45 -0.22
N TYR A 22 4.52 0.52 0.10
CA TYR A 22 5.00 1.47 -0.90
C TYR A 22 6.24 0.93 -1.62
N ASN A 23 6.38 1.32 -2.88
CA ASN A 23 7.52 0.87 -3.69
C ASN A 23 8.14 2.04 -4.45
N VAL A 24 9.11 2.71 -3.84
CA VAL A 24 9.78 3.84 -4.46
C VAL A 24 11.29 3.77 -4.26
N TRP A 25 12.02 4.54 -5.05
CA TRP A 25 13.48 4.57 -4.96
C TRP A 25 13.96 5.86 -4.33
N ASN A 26 13.07 6.86 -4.26
CA ASN A 26 13.41 8.15 -3.68
C ASN A 26 12.43 8.53 -2.58
N CYS A 27 11.80 7.52 -1.98
CA CYS A 27 10.83 7.74 -0.91
C CYS A 27 11.20 6.93 0.33
N ILE A 28 12.25 7.33 1.02
CA ILE A 28 12.70 6.64 2.21
C ILE A 28 11.56 6.44 3.20
N GLY A 29 11.54 5.28 3.86
CA GLY A 29 10.48 5.01 4.82
C GLY A 29 10.31 6.11 5.84
N GLY A 30 9.17 6.79 5.79
CA GLY A 30 8.91 7.87 6.71
C GLY A 30 8.17 9.03 6.08
N GLY A 31 6.87 8.82 5.82
CA GLY A 31 6.08 9.87 5.20
C GLY A 31 5.50 9.44 3.87
N CYS A 32 5.94 8.29 3.38
CA CYS A 32 5.45 7.76 2.10
C CYS A 32 4.02 7.27 2.22
N SER A 33 3.52 6.64 1.17
CA SER A 33 2.16 6.11 1.15
C SER A 33 2.11 4.72 0.54
N LYS A 34 1.87 3.72 1.38
CA LYS A 34 1.80 2.34 0.92
C LYS A 34 0.64 2.14 -0.03
N THR A 35 0.83 1.27 -1.01
CA THR A 35 -0.22 0.98 -1.99
C THR A 35 -0.59 -0.49 -1.99
N CYS A 36 -1.73 -0.82 -2.60
CA CYS A 36 -2.19 -2.20 -2.66
C CYS A 36 -1.58 -2.92 -3.86
N GLY A 37 -1.35 -4.22 -3.70
CA GLY A 37 -0.78 -5.01 -4.78
C GLY A 37 -1.79 -5.95 -5.42
N TYR A 38 -2.62 -6.56 -4.59
CA TYR A 38 -3.63 -7.49 -5.08
C TYR A 38 -4.97 -7.25 -4.40
N SER A 1 -15.39 -4.98 3.14
CA SER A 1 -14.85 -3.79 2.47
C SER A 1 -13.34 -3.91 2.32
N CYS A 2 -12.84 -3.59 1.13
CA CYS A 2 -11.41 -3.65 0.84
C CYS A 2 -11.04 -2.72 -0.31
N ASN A 3 -9.78 -2.77 -0.72
CA ASN A 3 -9.29 -1.93 -1.81
C ASN A 3 -8.60 -2.78 -2.87
N SER A 4 -8.19 -2.13 -3.95
CA SER A 4 -7.51 -2.81 -5.05
C SER A 4 -6.12 -2.23 -5.27
N LYS A 5 -5.31 -2.94 -6.06
CA LYS A 5 -3.95 -2.49 -6.35
C LYS A 5 -3.95 -1.06 -6.86
N GLY A 6 -2.91 -0.31 -6.51
CA GLY A 6 -2.80 1.08 -6.93
C GLY A 6 -3.49 2.03 -5.98
N THR A 7 -4.08 1.48 -4.91
CA THR A 7 -4.78 2.30 -3.92
C THR A 7 -3.93 2.46 -2.66
N PRO A 8 -3.85 3.71 -2.17
CA PRO A 8 -3.08 4.02 -0.96
C PRO A 8 -3.72 3.46 0.30
N CYS A 9 -2.88 2.99 1.23
CA CYS A 9 -3.36 2.42 2.47
C CYS A 9 -2.28 2.47 3.55
N THR A 10 -2.63 2.04 4.76
CA THR A 10 -1.68 2.03 5.87
C THR A 10 -1.54 0.64 6.47
N ASN A 11 -2.37 -0.30 5.98
CA ASN A 11 -2.33 -1.67 6.46
C ASN A 11 -2.71 -2.64 5.36
N ALA A 12 -2.31 -3.90 5.53
CA ALA A 12 -2.60 -4.94 4.54
C ALA A 12 -4.10 -5.21 4.46
N ASP A 13 -4.79 -5.05 5.59
CA ASP A 13 -6.23 -5.28 5.64
C ASP A 13 -6.96 -4.41 4.62
N GLU A 14 -6.40 -3.23 4.35
CA GLU A 14 -7.00 -2.31 3.39
C GLU A 14 -7.03 -2.93 2.00
N CYS A 15 -6.24 -3.97 1.80
CA CYS A 15 -6.17 -4.65 0.50
C CYS A 15 -6.79 -6.04 0.59
N CYS A 16 -7.83 -6.27 -0.21
CA CYS A 16 -8.51 -7.55 -0.23
C CYS A 16 -7.51 -8.70 -0.43
N GLY A 17 -6.40 -8.40 -1.09
CA GLY A 17 -5.39 -9.40 -1.34
C GLY A 17 -4.38 -9.50 -0.21
N GLY A 18 -4.21 -8.40 0.52
CA GLY A 18 -3.26 -8.39 1.62
C GLY A 18 -1.85 -8.03 1.16
N LYS A 19 -1.74 -6.92 0.45
CA LYS A 19 -0.44 -6.46 -0.05
C LYS A 19 -0.34 -4.94 0.02
N CYS A 20 -0.25 -4.41 1.23
CA CYS A 20 -0.15 -2.97 1.44
C CYS A 20 1.29 -2.57 1.78
N ALA A 21 1.93 -1.86 0.86
CA ALA A 21 3.30 -1.41 1.07
C ALA A 21 3.76 -0.50 -0.07
N TYR A 22 4.58 0.49 0.27
CA TYR A 22 5.08 1.44 -0.72
C TYR A 22 6.34 0.89 -1.41
N ASN A 23 6.49 1.21 -2.68
CA ASN A 23 7.64 0.75 -3.45
C ASN A 23 8.26 1.89 -4.25
N VAL A 24 9.18 2.63 -3.63
CA VAL A 24 9.84 3.75 -4.28
C VAL A 24 11.34 3.73 -4.02
N TRP A 25 12.09 4.47 -4.83
CA TRP A 25 13.53 4.53 -4.69
C TRP A 25 13.97 5.89 -4.14
N ASN A 26 13.08 6.89 -4.26
CA ASN A 26 13.37 8.23 -3.77
C ASN A 26 12.53 8.55 -2.54
N CYS A 27 11.54 7.73 -2.27
CA CYS A 27 10.65 7.93 -1.13
C CYS A 27 10.99 6.94 -0.01
N ILE A 28 12.21 7.02 0.50
CA ILE A 28 12.65 6.14 1.57
C ILE A 28 11.64 6.12 2.72
N GLY A 29 11.58 4.99 3.42
CA GLY A 29 10.65 4.87 4.53
C GLY A 29 10.76 6.02 5.51
N GLY A 30 9.73 6.86 5.56
CA GLY A 30 9.74 8.00 6.45
C GLY A 30 8.87 9.13 5.96
N GLY A 31 7.60 8.84 5.68
CA GLY A 31 6.70 9.85 5.19
C GLY A 31 6.14 9.53 3.81
N CYS A 32 5.94 8.25 3.54
CA CYS A 32 5.42 7.81 2.25
C CYS A 32 3.99 7.28 2.39
N SER A 33 3.50 6.65 1.32
CA SER A 33 2.15 6.11 1.33
C SER A 33 2.12 4.71 0.69
N LYS A 34 1.90 3.70 1.52
CA LYS A 34 1.85 2.32 1.05
C LYS A 34 0.71 2.12 0.06
N THR A 35 0.94 1.27 -0.93
CA THR A 35 -0.07 1.00 -1.94
C THR A 35 -0.47 -0.48 -1.94
N CYS A 36 -1.59 -0.79 -2.58
CA CYS A 36 -2.09 -2.15 -2.65
C CYS A 36 -1.47 -2.89 -3.82
N GLY A 37 -1.28 -4.21 -3.66
CA GLY A 37 -0.68 -5.01 -4.72
C GLY A 37 -1.69 -5.92 -5.38
N TYR A 38 -2.59 -6.49 -4.59
CA TYR A 38 -3.61 -7.40 -5.11
C TYR A 38 -4.98 -7.06 -4.53
N SER A 1 -15.31 -4.32 3.74
CA SER A 1 -14.88 -3.83 2.43
C SER A 1 -13.37 -3.91 2.30
N CYS A 2 -12.88 -3.65 1.09
CA CYS A 2 -11.44 -3.69 0.82
C CYS A 2 -11.08 -2.72 -0.30
N ASN A 3 -9.82 -2.77 -0.72
CA ASN A 3 -9.34 -1.90 -1.79
C ASN A 3 -8.66 -2.71 -2.89
N SER A 4 -8.24 -2.02 -3.95
CA SER A 4 -7.59 -2.67 -5.08
C SER A 4 -6.19 -2.09 -5.30
N LYS A 5 -5.41 -2.76 -6.13
CA LYS A 5 -4.05 -2.31 -6.44
C LYS A 5 -4.05 -0.86 -6.88
N GLY A 6 -3.02 -0.12 -6.47
CA GLY A 6 -2.91 1.28 -6.84
C GLY A 6 -3.65 2.19 -5.86
N THR A 7 -4.20 1.60 -4.81
CA THR A 7 -4.93 2.35 -3.80
C THR A 7 -4.11 2.55 -2.54
N PRO A 8 -4.08 3.79 -2.03
CA PRO A 8 -3.33 4.13 -0.82
C PRO A 8 -3.94 3.51 0.44
N CYS A 9 -3.07 3.03 1.32
CA CYS A 9 -3.53 2.42 2.57
C CYS A 9 -2.42 2.45 3.62
N THR A 10 -2.75 2.03 4.84
CA THR A 10 -1.79 2.01 5.93
C THR A 10 -1.66 0.61 6.51
N ASN A 11 -2.50 -0.32 6.05
CA ASN A 11 -2.47 -1.69 6.53
C ASN A 11 -2.80 -2.66 5.40
N ALA A 12 -2.39 -3.92 5.57
CA ALA A 12 -2.65 -4.94 4.57
C ALA A 12 -4.14 -5.25 4.46
N ASP A 13 -4.84 -5.11 5.59
CA ASP A 13 -6.27 -5.38 5.63
C ASP A 13 -7.01 -4.51 4.60
N GLU A 14 -6.47 -3.32 4.35
CA GLU A 14 -7.08 -2.40 3.39
C GLU A 14 -7.07 -3.00 1.98
N CYS A 15 -6.26 -4.03 1.79
CA CYS A 15 -6.14 -4.68 0.49
C CYS A 15 -6.77 -6.07 0.53
N CYS A 16 -7.78 -6.30 -0.31
CA CYS A 16 -8.46 -7.58 -0.37
C CYS A 16 -7.45 -8.72 -0.56
N GLY A 17 -6.31 -8.40 -1.17
CA GLY A 17 -5.29 -9.40 -1.39
C GLY A 17 -4.30 -9.48 -0.25
N GLY A 18 -4.15 -8.39 0.48
CA GLY A 18 -3.22 -8.36 1.60
C GLY A 18 -1.83 -7.96 1.19
N LYS A 19 -1.72 -6.87 0.43
CA LYS A 19 -0.44 -6.37 -0.03
C LYS A 19 -0.37 -4.85 0.05
N CYS A 20 -0.28 -4.32 1.27
CA CYS A 20 -0.21 -2.88 1.48
C CYS A 20 1.22 -2.45 1.80
N ALA A 21 1.82 -1.69 0.90
CA ALA A 21 3.18 -1.20 1.08
C ALA A 21 3.61 -0.30 -0.07
N TYR A 22 4.49 0.65 0.22
CA TYR A 22 4.98 1.58 -0.79
C TYR A 22 6.22 1.01 -1.49
N ASN A 23 6.35 1.32 -2.78
CA ASN A 23 7.48 0.85 -3.57
C ASN A 23 8.05 1.98 -4.42
N VAL A 24 8.96 2.76 -3.84
CA VAL A 24 9.58 3.87 -4.54
C VAL A 24 11.10 3.88 -4.32
N TRP A 25 11.81 4.60 -5.18
CA TRP A 25 13.25 4.69 -5.07
C TRP A 25 13.67 6.01 -4.42
N ASN A 26 12.79 7.00 -4.51
CA ASN A 26 13.07 8.31 -3.93
C ASN A 26 12.23 8.55 -2.69
N CYS A 27 11.61 7.48 -2.19
CA CYS A 27 10.78 7.56 -1.00
C CYS A 27 11.21 6.53 0.05
N ILE A 28 12.36 6.77 0.65
CA ILE A 28 12.90 5.86 1.67
C ILE A 28 11.87 5.62 2.77
N GLY A 29 11.76 4.36 3.20
CA GLY A 29 10.83 4.02 4.24
C GLY A 29 10.96 4.90 5.47
N GLY A 30 9.97 5.75 5.71
CA GLY A 30 10.01 6.64 6.85
C GLY A 30 8.84 7.61 6.87
N GLY A 31 7.68 7.15 6.40
CA GLY A 31 6.50 8.01 6.36
C GLY A 31 5.98 8.21 4.96
N CYS A 32 6.10 7.18 4.12
CA CYS A 32 5.63 7.26 2.74
C CYS A 32 4.18 6.80 2.62
N SER A 33 3.67 6.75 1.40
CA SER A 33 2.30 6.32 1.15
C SER A 33 2.28 4.91 0.56
N LYS A 34 1.88 3.94 1.38
CA LYS A 34 1.80 2.55 0.96
C LYS A 34 0.66 2.35 -0.04
N THR A 35 0.84 1.42 -0.96
CA THR A 35 -0.17 1.13 -1.97
C THR A 35 -0.54 -0.34 -1.96
N CYS A 36 -1.69 -0.66 -2.55
CA CYS A 36 -2.17 -2.03 -2.61
C CYS A 36 -1.56 -2.76 -3.82
N GLY A 37 -1.35 -4.07 -3.66
CA GLY A 37 -0.77 -4.86 -4.74
C GLY A 37 -1.80 -5.77 -5.40
N TYR A 38 -2.47 -6.58 -4.59
CA TYR A 38 -3.47 -7.51 -5.10
C TYR A 38 -4.88 -6.99 -4.82
N SER A 1 -14.83 -5.05 3.22
CA SER A 1 -14.47 -3.67 2.93
C SER A 1 -12.96 -3.54 2.73
N CYS A 2 -12.50 -3.76 1.50
CA CYS A 2 -11.09 -3.66 1.18
C CYS A 2 -10.86 -2.83 -0.07
N ASN A 3 -9.61 -2.75 -0.51
CA ASN A 3 -9.27 -1.98 -1.70
C ASN A 3 -8.53 -2.84 -2.72
N SER A 4 -8.22 -2.27 -3.87
CA SER A 4 -7.52 -2.98 -4.93
C SER A 4 -6.15 -2.36 -5.19
N LYS A 5 -5.33 -3.05 -5.98
CA LYS A 5 -4.01 -2.57 -6.32
C LYS A 5 -4.06 -1.15 -6.86
N GLY A 6 -3.05 -0.34 -6.53
CA GLY A 6 -3.01 1.03 -6.99
C GLY A 6 -3.72 1.98 -6.05
N THR A 7 -4.29 1.44 -4.97
CA THR A 7 -5.00 2.25 -3.99
C THR A 7 -4.15 2.44 -2.74
N PRO A 8 -4.09 3.70 -2.26
CA PRO A 8 -3.33 4.05 -1.06
C PRO A 8 -3.95 3.48 0.22
N CYS A 9 -3.09 3.06 1.15
CA CYS A 9 -3.57 2.50 2.41
C CYS A 9 -2.48 2.59 3.47
N THR A 10 -2.81 2.17 4.68
CA THR A 10 -1.87 2.20 5.80
C THR A 10 -1.70 0.82 6.41
N ASN A 11 -2.49 -0.14 5.94
CA ASN A 11 -2.42 -1.51 6.45
C ASN A 11 -2.77 -2.51 5.36
N ALA A 12 -2.34 -3.75 5.54
CA ALA A 12 -2.61 -4.81 4.57
C ALA A 12 -4.10 -5.13 4.51
N ASP A 13 -4.77 -4.99 5.65
CA ASP A 13 -6.21 -5.26 5.73
C ASP A 13 -6.98 -4.40 4.73
N GLU A 14 -6.38 -3.28 4.33
CA GLU A 14 -7.01 -2.37 3.39
C GLU A 14 -6.89 -2.89 1.96
N CYS A 15 -6.23 -4.02 1.81
CA CYS A 15 -6.04 -4.64 0.50
C CYS A 15 -6.71 -6.01 0.42
N CYS A 16 -7.65 -6.15 -0.51
CA CYS A 16 -8.37 -7.41 -0.68
C CYS A 16 -7.40 -8.58 -0.80
N GLY A 17 -6.18 -8.29 -1.27
CA GLY A 17 -5.19 -9.32 -1.43
C GLY A 17 -4.21 -9.38 -0.27
N GLY A 18 -4.16 -8.29 0.51
CA GLY A 18 -3.26 -8.24 1.64
C GLY A 18 -1.84 -7.87 1.24
N LYS A 19 -1.71 -6.78 0.49
CA LYS A 19 -0.40 -6.31 0.03
C LYS A 19 -0.31 -4.80 0.08
N CYS A 20 -0.28 -4.25 1.29
CA CYS A 20 -0.19 -2.81 1.48
C CYS A 20 1.24 -2.38 1.80
N ALA A 21 1.83 -1.62 0.88
CA ALA A 21 3.20 -1.15 1.07
C ALA A 21 3.62 -0.23 -0.08
N TYR A 22 4.47 0.73 0.23
CA TYR A 22 4.96 1.68 -0.77
C TYR A 22 6.22 1.15 -1.45
N ASN A 23 6.38 1.48 -2.73
CA ASN A 23 7.53 1.05 -3.51
C ASN A 23 8.14 2.21 -4.28
N VAL A 24 9.04 2.95 -3.63
CA VAL A 24 9.69 4.08 -4.26
C VAL A 24 11.20 4.02 -4.07
N TRP A 25 11.93 4.64 -4.99
CA TRP A 25 13.39 4.66 -4.93
C TRP A 25 13.89 5.87 -4.15
N ASN A 26 13.06 6.92 -4.09
CA ASN A 26 13.43 8.14 -3.39
C ASN A 26 12.65 8.26 -2.08
N CYS A 27 11.63 7.41 -1.92
CA CYS A 27 10.81 7.41 -0.71
C CYS A 27 10.94 6.08 0.03
N ILE A 28 12.12 5.81 0.56
CA ILE A 28 12.37 4.58 1.30
C ILE A 28 11.63 4.59 2.63
N GLY A 29 12.00 5.51 3.51
CA GLY A 29 11.37 5.60 4.80
C GLY A 29 11.17 7.03 5.25
N GLY A 30 9.92 7.48 5.30
CA GLY A 30 9.63 8.84 5.72
C GLY A 30 8.14 9.15 5.67
N GLY A 31 7.33 8.23 6.20
CA GLY A 31 5.90 8.43 6.21
C GLY A 31 5.30 8.45 4.82
N CYS A 32 5.90 7.68 3.91
CA CYS A 32 5.43 7.61 2.53
C CYS A 32 3.99 7.10 2.48
N SER A 33 3.51 6.85 1.26
CA SER A 33 2.15 6.36 1.07
C SER A 33 2.15 4.94 0.50
N LYS A 34 1.79 3.97 1.32
CA LYS A 34 1.75 2.58 0.90
C LYS A 34 0.63 2.34 -0.10
N THR A 35 0.86 1.43 -1.04
CA THR A 35 -0.13 1.11 -2.06
C THR A 35 -0.47 -0.37 -2.05
N CYS A 36 -1.62 -0.72 -2.62
CA CYS A 36 -2.07 -2.10 -2.69
C CYS A 36 -1.43 -2.83 -3.86
N GLY A 37 -1.15 -4.12 -3.68
CA GLY A 37 -0.54 -4.90 -4.74
C GLY A 37 -1.50 -5.91 -5.34
N TYR A 38 -2.30 -6.54 -4.49
CA TYR A 38 -3.27 -7.53 -4.93
C TYR A 38 -4.57 -7.41 -4.17
N SER A 1 -15.39 -2.64 2.14
CA SER A 1 -14.86 -3.86 2.73
C SER A 1 -13.35 -3.95 2.53
N CYS A 2 -12.90 -3.66 1.33
CA CYS A 2 -11.48 -3.71 1.01
C CYS A 2 -11.15 -2.76 -0.15
N ASN A 3 -9.90 -2.78 -0.58
CA ASN A 3 -9.45 -1.92 -1.67
C ASN A 3 -8.77 -2.73 -2.77
N SER A 4 -8.41 -2.06 -3.86
CA SER A 4 -7.76 -2.73 -4.98
C SER A 4 -6.38 -2.12 -5.25
N LYS A 5 -5.60 -2.80 -6.08
CA LYS A 5 -4.26 -2.33 -6.42
C LYS A 5 -4.29 -0.87 -6.88
N GLY A 6 -3.29 -0.10 -6.46
CA GLY A 6 -3.23 1.30 -6.84
C GLY A 6 -3.90 2.21 -5.83
N THR A 7 -4.45 1.61 -4.77
CA THR A 7 -5.13 2.37 -3.72
C THR A 7 -4.25 2.53 -2.49
N PRO A 8 -4.18 3.76 -1.96
CA PRO A 8 -3.38 4.07 -0.77
C PRO A 8 -3.96 3.44 0.50
N CYS A 9 -3.09 2.96 1.36
CA CYS A 9 -3.50 2.34 2.62
C CYS A 9 -2.38 2.37 3.64
N THR A 10 -2.67 1.90 4.85
CA THR A 10 -1.68 1.88 5.93
C THR A 10 -1.52 0.47 6.48
N ASN A 11 -2.34 -0.46 6.00
CA ASN A 11 -2.28 -1.85 6.45
C ASN A 11 -2.68 -2.80 5.32
N ALA A 12 -2.26 -4.05 5.44
CA ALA A 12 -2.57 -5.07 4.44
C ALA A 12 -4.07 -5.36 4.41
N ASP A 13 -4.71 -5.23 5.55
CA ASP A 13 -6.15 -5.48 5.66
C ASP A 13 -6.93 -4.59 4.68
N GLU A 14 -6.41 -3.40 4.43
CA GLU A 14 -7.05 -2.46 3.52
C GLU A 14 -7.11 -3.03 2.10
N CYS A 15 -6.30 -4.06 1.85
CA CYS A 15 -6.26 -4.68 0.54
C CYS A 15 -6.88 -6.08 0.58
N CYS A 16 -7.94 -6.27 -0.19
CA CYS A 16 -8.63 -7.56 -0.25
C CYS A 16 -7.64 -8.70 -0.50
N GLY A 17 -6.53 -8.38 -1.16
CA GLY A 17 -5.53 -9.39 -1.45
C GLY A 17 -4.47 -9.49 -0.36
N GLY A 18 -4.29 -8.40 0.38
CA GLY A 18 -3.30 -8.40 1.45
C GLY A 18 -1.92 -8.02 0.96
N LYS A 19 -1.84 -6.90 0.26
CA LYS A 19 -0.56 -6.42 -0.27
C LYS A 19 -0.47 -4.90 -0.17
N CYS A 20 -0.36 -4.41 1.07
CA CYS A 20 -0.26 -2.97 1.30
C CYS A 20 1.18 -2.57 1.59
N ALA A 21 1.77 -1.81 0.67
CA ALA A 21 3.16 -1.36 0.83
C ALA A 21 3.56 -0.44 -0.32
N TYR A 22 4.38 0.55 0.00
CA TYR A 22 4.84 1.51 -1.00
C TYR A 22 6.03 0.95 -1.78
N ASN A 23 6.21 1.43 -3.01
CA ASN A 23 7.31 0.98 -3.86
C ASN A 23 7.98 2.16 -4.55
N VAL A 24 8.99 2.73 -3.89
CA VAL A 24 9.70 3.87 -4.45
C VAL A 24 11.21 3.69 -4.29
N TRP A 25 11.98 4.46 -5.06
CA TRP A 25 13.44 4.38 -5.00
C TRP A 25 14.01 5.61 -4.29
N ASN A 26 13.23 6.68 -4.23
CA ASN A 26 13.66 7.91 -3.59
C ASN A 26 12.78 8.23 -2.38
N CYS A 27 12.19 7.20 -1.80
CA CYS A 27 11.32 7.37 -0.64
C CYS A 27 11.75 6.44 0.51
N ILE A 28 12.94 6.71 1.05
CA ILE A 28 13.47 5.91 2.15
C ILE A 28 12.62 6.07 3.40
N GLY A 29 12.67 7.26 3.99
CA GLY A 29 11.89 7.52 5.19
C GLY A 29 11.33 8.93 5.23
N GLY A 30 10.19 9.09 5.89
CA GLY A 30 9.57 10.40 5.99
C GLY A 30 8.06 10.32 6.10
N GLY A 31 7.51 9.15 5.79
CA GLY A 31 6.07 8.96 5.86
C GLY A 31 5.46 8.62 4.52
N CYS A 32 6.18 7.84 3.72
CA CYS A 32 5.71 7.43 2.41
C CYS A 32 4.29 6.88 2.49
N SER A 33 3.64 6.74 1.34
CA SER A 33 2.28 6.23 1.28
C SER A 33 2.24 4.86 0.63
N LYS A 34 1.87 3.84 1.40
CA LYS A 34 1.79 2.48 0.89
C LYS A 34 0.61 2.31 -0.07
N THR A 35 0.74 1.37 -0.98
CA THR A 35 -0.32 1.11 -1.96
C THR A 35 -0.68 -0.38 -2.00
N CYS A 36 -1.84 -0.67 -2.57
CA CYS A 36 -2.30 -2.05 -2.67
C CYS A 36 -1.70 -2.74 -3.90
N GLY A 37 -1.47 -4.05 -3.79
CA GLY A 37 -0.90 -4.79 -4.89
C GLY A 37 -1.91 -5.69 -5.57
N TYR A 38 -2.75 -6.34 -4.77
CA TYR A 38 -3.77 -7.24 -5.29
C TYR A 38 -5.15 -6.91 -4.72
N SER A 1 -15.52 -4.16 1.31
CA SER A 1 -14.88 -3.47 2.42
C SER A 1 -13.37 -3.56 2.31
N CYS A 2 -12.86 -3.52 1.08
CA CYS A 2 -11.43 -3.58 0.83
C CYS A 2 -11.03 -2.63 -0.29
N ASN A 3 -9.76 -2.71 -0.71
CA ASN A 3 -9.25 -1.86 -1.77
C ASN A 3 -8.61 -2.69 -2.88
N SER A 4 -8.17 -2.02 -3.94
CA SER A 4 -7.54 -2.69 -5.06
C SER A 4 -6.14 -2.14 -5.32
N LYS A 5 -5.39 -2.83 -6.17
CA LYS A 5 -4.04 -2.41 -6.50
C LYS A 5 -4.01 -0.93 -6.92
N GLY A 6 -2.97 -0.22 -6.50
CA GLY A 6 -2.85 1.18 -6.85
C GLY A 6 -3.58 2.09 -5.89
N THR A 7 -4.14 1.49 -4.83
CA THR A 7 -4.89 2.25 -3.83
C THR A 7 -4.06 2.43 -2.57
N PRO A 8 -4.03 3.66 -2.05
CA PRO A 8 -3.29 4.00 -0.83
C PRO A 8 -3.90 3.38 0.42
N CYS A 9 -3.05 2.93 1.33
CA CYS A 9 -3.51 2.31 2.57
C CYS A 9 -2.42 2.37 3.64
N THR A 10 -2.77 1.93 4.85
CA THR A 10 -1.83 1.93 5.96
C THR A 10 -1.66 0.53 6.55
N ASN A 11 -2.47 -0.40 6.07
CA ASN A 11 -2.41 -1.77 6.54
C ASN A 11 -2.77 -2.75 5.43
N ALA A 12 -2.35 -4.01 5.59
CA ALA A 12 -2.62 -5.03 4.60
C ALA A 12 -4.12 -5.33 4.51
N ASP A 13 -4.81 -5.19 5.64
CA ASP A 13 -6.24 -5.45 5.69
C ASP A 13 -6.99 -4.58 4.68
N GLU A 14 -6.46 -3.39 4.43
CA GLU A 14 -7.07 -2.47 3.47
C GLU A 14 -7.06 -3.06 2.06
N CYS A 15 -6.24 -4.08 1.86
CA CYS A 15 -6.14 -4.73 0.56
C CYS A 15 -6.79 -6.11 0.58
N CYS A 16 -7.79 -6.29 -0.27
CA CYS A 16 -8.51 -7.56 -0.35
C CYS A 16 -7.53 -8.72 -0.52
N GLY A 17 -6.37 -8.43 -1.11
CA GLY A 17 -5.37 -9.46 -1.33
C GLY A 17 -4.37 -9.55 -0.19
N GLY A 18 -4.21 -8.45 0.54
CA GLY A 18 -3.27 -8.43 1.65
C GLY A 18 -1.87 -8.04 1.22
N LYS A 19 -1.77 -6.96 0.46
CA LYS A 19 -0.47 -6.48 -0.02
C LYS A 19 -0.39 -4.96 0.06
N CYS A 20 -0.28 -4.45 1.28
CA CYS A 20 -0.20 -3.00 1.49
C CYS A 20 1.24 -2.58 1.81
N ALA A 21 1.84 -1.82 0.91
CA ALA A 21 3.21 -1.35 1.08
C ALA A 21 3.64 -0.46 -0.08
N TYR A 22 4.49 0.53 0.23
CA TYR A 22 4.97 1.46 -0.79
C TYR A 22 6.19 0.89 -1.51
N ASN A 23 6.31 1.19 -2.79
CA ASN A 23 7.43 0.72 -3.59
C ASN A 23 8.04 1.85 -4.41
N VAL A 24 9.01 2.54 -3.82
CA VAL A 24 9.68 3.66 -4.50
C VAL A 24 11.19 3.60 -4.29
N TRP A 25 11.92 4.33 -5.12
CA TRP A 25 13.37 4.37 -5.03
C TRP A 25 13.85 5.70 -4.43
N ASN A 26 12.96 6.68 -4.40
CA ASN A 26 13.29 7.98 -3.85
C ASN A 26 12.38 8.33 -2.68
N CYS A 27 11.80 7.31 -2.06
CA CYS A 27 10.90 7.50 -0.93
C CYS A 27 11.36 6.68 0.27
N ILE A 28 12.47 7.10 0.88
CA ILE A 28 13.01 6.41 2.04
C ILE A 28 11.94 6.19 3.11
N GLY A 29 12.06 5.10 3.85
CA GLY A 29 11.10 4.79 4.89
C GLY A 29 10.90 5.96 5.84
N GLY A 30 9.71 6.56 5.80
CA GLY A 30 9.43 7.69 6.67
C GLY A 30 8.81 8.85 5.92
N GLY A 31 7.47 8.88 5.88
CA GLY A 31 6.78 9.94 5.18
C GLY A 31 6.34 9.55 3.79
N CYS A 32 5.96 8.28 3.62
CA CYS A 32 5.52 7.78 2.33
C CYS A 32 4.08 7.29 2.40
N SER A 33 3.61 6.71 1.30
CA SER A 33 2.24 6.21 1.23
C SER A 33 2.22 4.80 0.63
N LYS A 34 1.88 3.81 1.45
CA LYS A 34 1.82 2.42 1.00
C LYS A 34 0.67 2.23 0.03
N THR A 35 0.86 1.31 -0.93
CA THR A 35 -0.16 1.03 -1.93
C THR A 35 -0.54 -0.44 -1.92
N CYS A 36 -1.68 -0.76 -2.52
CA CYS A 36 -2.15 -2.14 -2.59
C CYS A 36 -1.55 -2.87 -3.79
N GLY A 37 -1.35 -4.17 -3.64
CA GLY A 37 -0.79 -4.95 -4.72
C GLY A 37 -1.82 -5.85 -5.39
N TYR A 38 -2.52 -6.64 -4.58
CA TYR A 38 -3.53 -7.55 -5.10
C TYR A 38 -4.93 -7.03 -4.80
N SER A 1 -15.49 -4.91 2.24
CA SER A 1 -14.93 -3.57 2.30
C SER A 1 -13.40 -3.62 2.18
N CYS A 2 -12.92 -3.59 0.94
CA CYS A 2 -11.47 -3.62 0.69
C CYS A 2 -11.09 -2.66 -0.44
N ASN A 3 -9.83 -2.71 -0.85
CA ASN A 3 -9.34 -1.85 -1.91
C ASN A 3 -8.63 -2.66 -2.99
N SER A 4 -8.20 -1.99 -4.05
CA SER A 4 -7.51 -2.64 -5.15
C SER A 4 -6.12 -2.06 -5.35
N LYS A 5 -5.32 -2.74 -6.18
CA LYS A 5 -3.96 -2.29 -6.45
C LYS A 5 -3.95 -0.82 -6.87
N GLY A 6 -2.87 -0.11 -6.53
CA GLY A 6 -2.76 1.29 -6.88
C GLY A 6 -3.52 2.19 -5.93
N THR A 7 -4.11 1.60 -4.89
CA THR A 7 -4.87 2.36 -3.91
C THR A 7 -4.06 2.57 -2.63
N PRO A 8 -4.07 3.80 -2.12
CA PRO A 8 -3.35 4.16 -0.90
C PRO A 8 -3.98 3.54 0.34
N CYS A 9 -3.12 3.08 1.26
CA CYS A 9 -3.60 2.47 2.50
C CYS A 9 -2.53 2.52 3.58
N THR A 10 -2.88 2.10 4.78
CA THR A 10 -1.94 2.09 5.91
C THR A 10 -1.80 0.70 6.50
N ASN A 11 -2.62 -0.24 6.02
CA ASN A 11 -2.58 -1.61 6.51
C ASN A 11 -2.91 -2.60 5.40
N ALA A 12 -2.48 -3.84 5.57
CA ALA A 12 -2.73 -4.88 4.59
C ALA A 12 -4.23 -5.17 4.46
N ASP A 13 -4.95 -5.01 5.56
CA ASP A 13 -6.39 -5.26 5.58
C ASP A 13 -7.09 -4.41 4.52
N GLU A 14 -6.56 -3.22 4.28
CA GLU A 14 -7.13 -2.30 3.30
C GLU A 14 -7.10 -2.91 1.90
N CYS A 15 -6.29 -3.94 1.73
CA CYS A 15 -6.16 -4.61 0.44
C CYS A 15 -6.78 -6.00 0.49
N CYS A 16 -7.78 -6.23 -0.35
CA CYS A 16 -8.46 -7.51 -0.41
C CYS A 16 -7.45 -8.65 -0.58
N GLY A 17 -6.31 -8.35 -1.18
CA GLY A 17 -5.29 -9.35 -1.39
C GLY A 17 -4.31 -9.44 -0.24
N GLY A 18 -4.17 -8.34 0.50
CA GLY A 18 -3.27 -8.32 1.64
C GLY A 18 -1.87 -7.91 1.24
N LYS A 19 -1.75 -6.83 0.49
CA LYS A 19 -0.46 -6.34 0.04
C LYS A 19 -0.41 -4.81 0.12
N CYS A 20 -0.31 -4.28 1.33
CA CYS A 20 -0.25 -2.84 1.54
C CYS A 20 1.17 -2.40 1.89
N ALA A 21 1.78 -1.65 0.98
CA ALA A 21 3.14 -1.17 1.20
C ALA A 21 3.60 -0.29 0.03
N TYR A 22 4.44 0.70 0.33
CA TYR A 22 4.94 1.60 -0.69
C TYR A 22 6.19 1.02 -1.37
N ASN A 23 6.31 1.26 -2.67
CA ASN A 23 7.45 0.76 -3.43
C ASN A 23 8.03 1.86 -4.32
N VAL A 24 8.95 2.64 -3.74
CA VAL A 24 9.58 3.72 -4.48
C VAL A 24 11.10 3.73 -4.26
N TRP A 25 11.82 4.41 -5.14
CA TRP A 25 13.27 4.49 -5.04
C TRP A 25 13.70 5.79 -4.37
N ASN A 26 12.84 6.81 -4.47
CA ASN A 26 13.13 8.11 -3.89
C ASN A 26 12.34 8.31 -2.60
N CYS A 27 11.36 7.45 -2.38
CA CYS A 27 10.53 7.53 -1.18
C CYS A 27 10.92 6.46 -0.17
N ILE A 28 12.16 6.54 0.31
CA ILE A 28 12.67 5.58 1.28
C ILE A 28 11.71 5.44 2.46
N GLY A 29 11.62 4.24 3.00
CA GLY A 29 10.73 3.99 4.14
C GLY A 29 10.97 4.97 5.27
N GLY A 30 10.00 5.85 5.50
CA GLY A 30 10.12 6.83 6.56
C GLY A 30 8.92 7.74 6.65
N GLY A 31 7.74 7.21 6.33
CA GLY A 31 6.52 8.00 6.37
C GLY A 31 5.94 8.25 5.00
N CYS A 32 6.08 7.27 4.10
CA CYS A 32 5.56 7.40 2.75
C CYS A 32 4.13 6.88 2.66
N SER A 33 3.58 6.86 1.45
CA SER A 33 2.22 6.39 1.22
C SER A 33 2.22 4.99 0.64
N LYS A 34 1.81 4.02 1.44
CA LYS A 34 1.76 2.62 1.00
C LYS A 34 0.64 2.42 -0.02
N THR A 35 0.85 1.46 -0.93
CA THR A 35 -0.14 1.16 -1.95
C THR A 35 -0.52 -0.31 -1.94
N CYS A 36 -1.65 -0.64 -2.57
CA CYS A 36 -2.12 -2.01 -2.63
C CYS A 36 -1.50 -2.75 -3.80
N GLY A 37 -1.29 -4.05 -3.64
CA GLY A 37 -0.70 -4.85 -4.70
C GLY A 37 -1.71 -5.77 -5.37
N TYR A 38 -2.38 -6.58 -4.57
CA TYR A 38 -3.38 -7.50 -5.08
C TYR A 38 -4.79 -6.98 -4.84
N SER A 1 -14.82 -4.30 4.12
CA SER A 1 -14.49 -3.70 2.82
C SER A 1 -12.98 -3.57 2.65
N CYS A 2 -12.51 -3.80 1.42
CA CYS A 2 -11.08 -3.71 1.12
C CYS A 2 -10.85 -2.87 -0.13
N ASN A 3 -9.59 -2.81 -0.56
CA ASN A 3 -9.23 -2.03 -1.75
C ASN A 3 -8.46 -2.90 -2.74
N SER A 4 -8.14 -2.32 -3.90
CA SER A 4 -7.41 -3.04 -4.93
C SER A 4 -6.05 -2.40 -5.18
N LYS A 5 -5.20 -3.10 -5.93
CA LYS A 5 -3.87 -2.60 -6.24
C LYS A 5 -3.93 -1.18 -6.79
N GLY A 6 -2.90 -0.38 -6.49
CA GLY A 6 -2.86 0.98 -6.97
C GLY A 6 -3.57 1.95 -6.04
N THR A 7 -4.16 1.41 -4.97
CA THR A 7 -4.88 2.22 -4.00
C THR A 7 -4.05 2.41 -2.73
N PRO A 8 -3.99 3.67 -2.26
CA PRO A 8 -3.23 4.02 -1.05
C PRO A 8 -3.88 3.46 0.22
N CYS A 9 -3.05 3.03 1.17
CA CYS A 9 -3.54 2.49 2.42
C CYS A 9 -2.47 2.57 3.51
N THR A 10 -2.83 2.14 4.72
CA THR A 10 -1.90 2.18 5.84
C THR A 10 -1.75 0.80 6.46
N ASN A 11 -2.54 -0.16 5.98
CA ASN A 11 -2.49 -1.53 6.49
C ASN A 11 -2.82 -2.53 5.39
N ALA A 12 -2.40 -3.77 5.59
CA ALA A 12 -2.66 -4.83 4.62
C ALA A 12 -4.15 -5.15 4.54
N ASP A 13 -4.84 -5.00 5.66
CA ASP A 13 -6.27 -5.28 5.72
C ASP A 13 -7.03 -4.41 4.71
N GLU A 14 -6.42 -3.30 4.32
CA GLU A 14 -7.04 -2.38 3.36
C GLU A 14 -6.91 -2.91 1.94
N CYS A 15 -6.24 -4.05 1.79
CA CYS A 15 -6.03 -4.66 0.48
C CYS A 15 -6.70 -6.03 0.42
N CYS A 16 -7.63 -6.18 -0.54
CA CYS A 16 -8.34 -7.44 -0.71
C CYS A 16 -7.37 -8.61 -0.82
N GLY A 17 -6.16 -8.32 -1.27
CA GLY A 17 -5.15 -9.36 -1.41
C GLY A 17 -4.19 -9.40 -0.24
N GLY A 18 -4.15 -8.32 0.53
CA GLY A 18 -3.26 -8.26 1.68
C GLY A 18 -1.84 -7.89 1.29
N LYS A 19 -1.69 -6.81 0.54
CA LYS A 19 -0.37 -6.35 0.10
C LYS A 19 -0.29 -4.83 0.14
N CYS A 20 -0.29 -4.28 1.35
CA CYS A 20 -0.20 -2.84 1.54
C CYS A 20 1.23 -2.42 1.86
N ALA A 21 1.84 -1.66 0.96
CA ALA A 21 3.20 -1.19 1.15
C ALA A 21 3.64 -0.30 -0.01
N TYR A 22 4.48 0.69 0.29
CA TYR A 22 4.97 1.61 -0.72
C TYR A 22 6.23 1.06 -1.39
N ASN A 23 6.39 1.37 -2.68
CA ASN A 23 7.54 0.91 -3.43
C ASN A 23 8.14 2.05 -4.26
N VAL A 24 9.04 2.81 -3.64
CA VAL A 24 9.70 3.92 -4.32
C VAL A 24 11.21 3.85 -4.18
N TRP A 25 11.93 4.51 -5.09
CA TRP A 25 13.38 4.52 -5.06
C TRP A 25 13.90 5.74 -4.31
N ASN A 26 13.10 6.79 -4.27
CA ASN A 26 13.48 8.01 -3.58
C ASN A 26 12.76 8.15 -2.25
N CYS A 27 11.69 7.37 -2.08
CA CYS A 27 10.91 7.40 -0.86
C CYS A 27 11.20 6.17 0.01
N ILE A 28 12.46 6.04 0.41
CA ILE A 28 12.89 4.91 1.24
C ILE A 28 12.11 4.88 2.55
N GLY A 29 12.40 5.85 3.42
CA GLY A 29 11.72 5.91 4.70
C GLY A 29 11.42 7.34 5.13
N GLY A 30 10.13 7.66 5.24
CA GLY A 30 9.74 9.00 5.64
C GLY A 30 8.23 9.18 5.65
N GLY A 31 7.51 8.20 6.19
CA GLY A 31 6.07 8.28 6.24
C GLY A 31 5.44 8.30 4.86
N CYS A 32 6.04 7.58 3.93
CA CYS A 32 5.54 7.53 2.56
C CYS A 32 4.11 7.00 2.54
N SER A 33 3.57 6.84 1.33
CA SER A 33 2.20 6.34 1.16
C SER A 33 2.20 4.92 0.60
N LYS A 34 1.84 3.96 1.44
CA LYS A 34 1.79 2.57 1.01
C LYS A 34 0.66 2.34 0.02
N THR A 35 0.89 1.41 -0.92
CA THR A 35 -0.12 1.10 -1.93
C THR A 35 -0.45 -0.39 -1.93
N CYS A 36 -1.56 -0.74 -2.55
CA CYS A 36 -1.99 -2.13 -2.62
C CYS A 36 -1.33 -2.85 -3.79
N GLY A 37 -1.07 -4.15 -3.61
CA GLY A 37 -0.43 -4.92 -4.66
C GLY A 37 -1.38 -5.92 -5.30
N TYR A 38 -2.23 -6.54 -4.48
CA TYR A 38 -3.18 -7.53 -4.96
C TYR A 38 -4.54 -7.34 -4.30
#